data_2YTB
#
_entry.id   2YTB
#
loop_
_entity.id
_entity.type
_entity.pdbx_description
1 polymer 'Zinc finger protein 32'
2 non-polymer 'ZINC ION'
#
_entity_poly.entity_id   1
_entity_poly.type   'polypeptide(L)'
_entity_poly.pdbx_seq_one_letter_code
;GSSGSSGGEKPYRCDQCGKAFSQKGSLIVHIRVHTGSGPSSG
;
_entity_poly.pdbx_strand_id   A
#
loop_
_chem_comp.id
_chem_comp.type
_chem_comp.name
_chem_comp.formula
ZN non-polymer 'ZINC ION' 'Zn 2'
#
# COMPACT_ATOMS: atom_id res chain seq x y z
N GLY A 1 -10.09 1.90 21.29
CA GLY A 1 -8.86 2.09 22.05
C GLY A 1 -8.03 0.82 22.14
N SER A 2 -7.91 0.13 21.02
CA SER A 2 -7.13 -1.11 20.98
C SER A 2 -6.63 -1.40 19.56
N SER A 3 -5.38 -1.02 19.31
CA SER A 3 -4.78 -1.23 17.99
C SER A 3 -4.81 -2.70 17.60
N GLY A 4 -4.32 -3.01 16.41
CA GLY A 4 -4.30 -4.38 15.94
C GLY A 4 -5.69 -4.93 15.71
N SER A 5 -6.21 -4.73 14.51
CA SER A 5 -7.55 -5.21 14.17
C SER A 5 -7.70 -5.36 12.65
N SER A 6 -6.93 -6.27 12.08
CA SER A 6 -6.97 -6.51 10.64
C SER A 6 -8.40 -6.80 10.18
N GLY A 7 -8.77 -6.26 9.03
CA GLY A 7 -10.10 -6.47 8.50
C GLY A 7 -10.14 -6.40 6.98
N GLY A 8 -10.45 -7.53 6.35
CA GLY A 8 -10.51 -7.59 4.90
C GLY A 8 -9.75 -8.76 4.33
N GLU A 9 -8.53 -8.97 4.82
CA GLU A 9 -7.69 -10.07 4.35
C GLU A 9 -7.59 -10.06 2.82
N LYS A 10 -7.16 -8.92 2.28
CA LYS A 10 -7.01 -8.77 0.84
C LYS A 10 -5.60 -9.15 0.40
N PRO A 11 -5.45 -9.54 -0.88
CA PRO A 11 -4.17 -9.93 -1.45
C PRO A 11 -3.22 -8.74 -1.60
N TYR A 12 -3.78 -7.55 -1.72
CA TYR A 12 -2.99 -6.34 -1.87
C TYR A 12 -2.55 -5.81 -0.51
N ARG A 13 -1.30 -6.07 -0.14
CA ARG A 13 -0.75 -5.61 1.13
C ARG A 13 0.67 -5.09 0.95
N CYS A 14 0.83 -3.78 1.11
CA CYS A 14 2.14 -3.15 0.98
C CYS A 14 3.09 -3.60 2.08
N ASP A 15 4.28 -4.04 1.70
CA ASP A 15 5.27 -4.50 2.66
C ASP A 15 6.19 -3.35 3.08
N GLN A 16 6.07 -2.22 2.39
CA GLN A 16 6.89 -1.05 2.70
C GLN A 16 6.39 -0.35 3.95
N CYS A 17 5.07 -0.32 4.12
CA CYS A 17 4.46 0.33 5.27
C CYS A 17 3.63 -0.67 6.08
N GLY A 18 3.04 -1.63 5.39
CA GLY A 18 2.23 -2.64 6.05
C GLY A 18 0.75 -2.30 6.01
N LYS A 19 0.26 -1.93 4.84
CA LYS A 19 -1.15 -1.59 4.67
C LYS A 19 -1.88 -2.66 3.87
N ALA A 20 -3.17 -2.45 3.64
CA ALA A 20 -3.98 -3.40 2.89
C ALA A 20 -4.97 -2.68 1.99
N PHE A 21 -5.16 -3.21 0.78
CA PHE A 21 -6.09 -2.62 -0.18
C PHE A 21 -6.98 -3.68 -0.81
N SER A 22 -8.16 -3.27 -1.25
CA SER A 22 -9.12 -4.19 -1.86
C SER A 22 -8.82 -4.36 -3.35
N GLN A 23 -8.26 -3.32 -3.95
CA GLN A 23 -7.92 -3.35 -5.38
C GLN A 23 -6.44 -3.08 -5.60
N LYS A 24 -5.95 -3.42 -6.78
CA LYS A 24 -4.54 -3.21 -7.12
C LYS A 24 -4.27 -1.73 -7.41
N GLY A 25 -5.05 -1.17 -8.32
CA GLY A 25 -4.88 0.24 -8.67
C GLY A 25 -4.77 1.13 -7.45
N SER A 26 -5.66 0.93 -6.48
CA SER A 26 -5.67 1.73 -5.26
C SER A 26 -4.28 1.74 -4.62
N LEU A 27 -3.60 0.61 -4.67
CA LEU A 27 -2.27 0.49 -4.09
C LEU A 27 -1.24 1.24 -4.93
N ILE A 28 -1.47 1.29 -6.24
CA ILE A 28 -0.58 1.99 -7.14
C ILE A 28 -0.49 3.48 -6.81
N VAL A 29 -1.59 4.03 -6.32
CA VAL A 29 -1.64 5.44 -5.94
C VAL A 29 -0.95 5.68 -4.60
N HIS A 30 -0.64 4.59 -3.90
CA HIS A 30 0.01 4.68 -2.60
C HIS A 30 1.52 4.57 -2.75
N ILE A 31 1.96 3.79 -3.73
CA ILE A 31 3.38 3.60 -3.97
C ILE A 31 4.09 4.93 -4.21
N ARG A 32 3.32 5.94 -4.59
CA ARG A 32 3.86 7.27 -4.84
C ARG A 32 4.64 7.77 -3.62
N VAL A 33 4.28 7.29 -2.45
CA VAL A 33 4.93 7.68 -1.21
C VAL A 33 6.22 6.90 -0.99
N HIS A 34 6.28 5.69 -1.56
CA HIS A 34 7.45 4.84 -1.43
C HIS A 34 8.38 5.00 -2.63
N THR A 35 7.97 4.43 -3.77
CA THR A 35 8.77 4.51 -4.99
C THR A 35 8.16 5.50 -5.97
N GLY A 36 9.01 6.10 -6.80
CA GLY A 36 8.53 7.07 -7.78
C GLY A 36 7.40 6.52 -8.62
N SER A 37 6.18 6.95 -8.32
CA SER A 37 5.01 6.48 -9.05
C SER A 37 4.28 7.67 -9.70
N GLY A 38 4.04 7.57 -11.00
CA GLY A 38 3.36 8.64 -11.71
C GLY A 38 3.99 9.99 -11.47
N PRO A 39 3.32 11.05 -11.97
CA PRO A 39 3.82 12.43 -11.82
C PRO A 39 3.72 12.92 -10.38
N SER A 40 4.67 13.75 -9.97
CA SER A 40 4.69 14.29 -8.62
C SER A 40 5.50 15.58 -8.56
N SER A 41 5.44 16.36 -9.63
CA SER A 41 6.17 17.62 -9.71
C SER A 41 7.65 17.41 -9.42
N GLY A 42 8.39 18.50 -9.30
CA GLY A 42 9.81 18.42 -9.02
C GLY A 42 10.11 17.60 -7.78
ZN ZN B . 3.33 1.28 1.60
N GLY A 1 3.28 -10.34 19.90
CA GLY A 1 1.86 -10.50 20.15
C GLY A 1 1.11 -11.04 18.93
N SER A 2 0.56 -12.24 19.06
CA SER A 2 -0.18 -12.85 17.96
C SER A 2 -1.53 -12.19 17.76
N SER A 3 -1.69 -11.51 16.62
CA SER A 3 -2.94 -10.83 16.31
C SER A 3 -2.97 -10.38 14.86
N GLY A 4 -4.10 -10.59 14.20
CA GLY A 4 -4.24 -10.21 12.81
C GLY A 4 -5.62 -9.64 12.49
N SER A 5 -6.23 -10.14 11.43
CA SER A 5 -7.55 -9.67 11.02
C SER A 5 -8.65 -10.53 11.64
N SER A 6 -8.31 -11.78 11.94
CA SER A 6 -9.27 -12.71 12.54
C SER A 6 -10.56 -12.76 11.73
N GLY A 7 -10.42 -12.78 10.40
CA GLY A 7 -11.58 -12.82 9.53
C GLY A 7 -11.19 -12.96 8.07
N GLY A 8 -11.10 -11.82 7.38
CA GLY A 8 -10.75 -11.83 5.98
C GLY A 8 -9.79 -10.71 5.62
N GLU A 9 -8.87 -11.00 4.70
CA GLU A 9 -7.89 -10.01 4.27
C GLU A 9 -7.81 -9.95 2.74
N LYS A 10 -7.12 -8.93 2.23
CA LYS A 10 -6.97 -8.77 0.79
C LYS A 10 -5.56 -9.15 0.34
N PRO A 11 -5.42 -9.53 -0.93
CA PRO A 11 -4.14 -9.93 -1.51
C PRO A 11 -3.17 -8.75 -1.66
N TYR A 12 -3.74 -7.55 -1.75
CA TYR A 12 -2.93 -6.34 -1.90
C TYR A 12 -2.50 -5.81 -0.53
N ARG A 13 -1.25 -6.08 -0.16
CA ARG A 13 -0.72 -5.63 1.11
C ARG A 13 0.69 -5.10 0.95
N CYS A 14 0.85 -3.78 1.12
CA CYS A 14 2.15 -3.14 0.99
C CYS A 14 3.09 -3.58 2.11
N ASP A 15 4.29 -4.00 1.74
CA ASP A 15 5.28 -4.45 2.70
C ASP A 15 6.19 -3.30 3.13
N GLN A 16 6.07 -2.17 2.42
CA GLN A 16 6.87 -0.99 2.73
C GLN A 16 6.37 -0.28 3.98
N CYS A 17 5.05 -0.26 4.14
CA CYS A 17 4.43 0.38 5.29
C CYS A 17 3.61 -0.62 6.11
N GLY A 18 3.03 -1.60 5.42
CA GLY A 18 2.24 -2.61 6.09
C GLY A 18 0.76 -2.29 6.07
N LYS A 19 0.24 -1.99 4.88
CA LYS A 19 -1.17 -1.66 4.72
C LYS A 19 -1.89 -2.72 3.89
N ALA A 20 -3.19 -2.51 3.66
CA ALA A 20 -3.98 -3.46 2.89
C ALA A 20 -4.97 -2.72 1.99
N PHE A 21 -5.13 -3.23 0.77
CA PHE A 21 -6.05 -2.62 -0.19
C PHE A 21 -6.97 -3.67 -0.82
N SER A 22 -8.16 -3.24 -1.21
CA SER A 22 -9.13 -4.15 -1.82
C SER A 22 -8.85 -4.32 -3.30
N GLN A 23 -8.27 -3.29 -3.92
CA GLN A 23 -7.96 -3.33 -5.34
C GLN A 23 -6.47 -3.07 -5.57
N LYS A 24 -6.00 -3.38 -6.77
CA LYS A 24 -4.60 -3.18 -7.13
C LYS A 24 -4.32 -1.72 -7.41
N GLY A 25 -5.11 -1.13 -8.32
CA GLY A 25 -4.92 0.26 -8.66
C GLY A 25 -4.80 1.16 -7.45
N SER A 26 -5.68 0.95 -6.47
CA SER A 26 -5.67 1.75 -5.25
C SER A 26 -4.28 1.77 -4.62
N LEU A 27 -3.60 0.63 -4.67
CA LEU A 27 -2.26 0.52 -4.11
C LEU A 27 -1.25 1.27 -4.96
N ILE A 28 -1.48 1.30 -6.27
CA ILE A 28 -0.60 1.99 -7.20
C ILE A 28 -0.49 3.47 -6.86
N VAL A 29 -1.59 4.03 -6.34
CA VAL A 29 -1.62 5.44 -5.97
C VAL A 29 -0.94 5.68 -4.62
N HIS A 30 -0.65 4.59 -3.93
CA HIS A 30 0.01 4.67 -2.63
C HIS A 30 1.52 4.54 -2.77
N ILE A 31 1.95 3.76 -3.75
CA ILE A 31 3.37 3.55 -3.98
C ILE A 31 4.10 4.87 -4.21
N ARG A 32 3.34 5.89 -4.61
CA ARG A 32 3.90 7.22 -4.85
C ARG A 32 4.66 7.72 -3.63
N VAL A 33 4.28 7.23 -2.46
CA VAL A 33 4.94 7.63 -1.21
C VAL A 33 6.22 6.84 -0.98
N HIS A 34 6.28 5.64 -1.56
CA HIS A 34 7.45 4.78 -1.42
C HIS A 34 8.37 4.92 -2.64
N THR A 35 7.96 4.33 -3.76
CA THR A 35 8.75 4.38 -4.98
C THR A 35 8.12 5.33 -5.99
N GLY A 36 8.96 5.93 -6.84
CA GLY A 36 8.48 6.85 -7.84
C GLY A 36 7.34 6.27 -8.67
N SER A 37 6.13 6.70 -8.36
CA SER A 37 4.94 6.22 -9.08
C SER A 37 4.18 7.38 -9.69
N GLY A 38 3.53 7.12 -10.83
CA GLY A 38 2.75 8.15 -11.50
C GLY A 38 3.64 9.17 -12.19
N PRO A 39 3.01 10.08 -12.95
CA PRO A 39 3.73 11.13 -13.67
C PRO A 39 4.31 12.18 -12.74
N SER A 40 5.59 12.03 -12.42
CA SER A 40 6.27 12.97 -11.53
C SER A 40 7.39 13.70 -12.26
N SER A 41 7.85 14.80 -11.68
CA SER A 41 8.93 15.59 -12.28
C SER A 41 9.71 16.35 -11.21
N GLY A 42 8.98 16.92 -10.26
CA GLY A 42 9.63 17.66 -9.19
C GLY A 42 9.57 16.94 -7.86
ZN ZN B . 3.29 1.30 1.61
N GLY A 1 8.62 4.86 15.68
CA GLY A 1 7.86 4.76 14.44
C GLY A 1 7.77 3.34 13.94
N SER A 2 7.52 3.18 12.64
CA SER A 2 7.40 1.87 12.03
C SER A 2 6.33 1.04 12.73
N SER A 3 5.07 1.29 12.37
CA SER A 3 3.94 0.58 12.97
C SER A 3 3.11 -0.12 11.90
N GLY A 4 2.30 -1.09 12.32
CA GLY A 4 1.47 -1.81 11.39
C GLY A 4 0.69 -2.94 12.06
N SER A 5 0.58 -4.06 11.36
CA SER A 5 -0.16 -5.21 11.89
C SER A 5 -1.54 -4.80 12.35
N SER A 6 -2.37 -4.38 11.41
CA SER A 6 -3.73 -3.95 11.72
C SER A 6 -4.71 -4.43 10.66
N GLY A 7 -4.72 -5.73 10.42
CA GLY A 7 -5.62 -6.31 9.43
C GLY A 7 -4.88 -6.78 8.19
N GLY A 8 -5.52 -7.65 7.41
CA GLY A 8 -4.90 -8.17 6.21
C GLY A 8 -5.65 -9.35 5.63
N GLU A 9 -6.74 -9.07 4.92
CA GLU A 9 -7.55 -10.11 4.32
C GLU A 9 -7.42 -10.10 2.80
N LYS A 10 -7.12 -8.93 2.25
CA LYS A 10 -6.97 -8.76 0.81
C LYS A 10 -5.56 -9.15 0.37
N PRO A 11 -5.43 -9.53 -0.90
CA PRO A 11 -4.14 -9.93 -1.48
C PRO A 11 -3.19 -8.74 -1.64
N TYR A 12 -3.75 -7.55 -1.74
CA TYR A 12 -2.95 -6.34 -1.89
C TYR A 12 -2.51 -5.80 -0.53
N ARG A 13 -1.26 -6.07 -0.16
CA ARG A 13 -0.73 -5.62 1.12
C ARG A 13 0.69 -5.08 0.95
N CYS A 14 0.85 -3.77 1.11
CA CYS A 14 2.15 -3.14 0.98
C CYS A 14 3.10 -3.59 2.10
N ASP A 15 4.30 -3.99 1.70
CA ASP A 15 5.30 -4.45 2.67
C ASP A 15 6.20 -3.29 3.10
N GLN A 16 6.08 -2.17 2.41
CA GLN A 16 6.89 -0.99 2.73
C GLN A 16 6.37 -0.29 3.98
N CYS A 17 5.05 -0.28 4.13
CA CYS A 17 4.42 0.35 5.29
C CYS A 17 3.61 -0.66 6.09
N GLY A 18 3.02 -1.63 5.39
CA GLY A 18 2.23 -2.64 6.05
C GLY A 18 0.74 -2.32 6.03
N LYS A 19 0.24 -1.96 4.86
CA LYS A 19 -1.17 -1.63 4.70
C LYS A 19 -1.89 -2.69 3.88
N ALA A 20 -3.19 -2.48 3.66
CA ALA A 20 -3.99 -3.43 2.90
C ALA A 20 -4.98 -2.70 1.99
N PHE A 21 -5.16 -3.22 0.78
CA PHE A 21 -6.06 -2.61 -0.19
C PHE A 21 -6.97 -3.67 -0.81
N SER A 22 -8.16 -3.24 -1.22
CA SER A 22 -9.13 -4.16 -1.82
C SER A 22 -8.84 -4.34 -3.31
N GLN A 23 -8.27 -3.30 -3.93
CA GLN A 23 -7.95 -3.35 -5.35
C GLN A 23 -6.46 -3.08 -5.58
N LYS A 24 -5.99 -3.39 -6.78
CA LYS A 24 -4.59 -3.19 -7.12
C LYS A 24 -4.31 -1.72 -7.41
N GLY A 25 -5.09 -1.15 -8.32
CA GLY A 25 -4.91 0.25 -8.66
C GLY A 25 -4.79 1.15 -7.45
N SER A 26 -5.67 0.94 -6.48
CA SER A 26 -5.67 1.74 -5.26
C SER A 26 -4.28 1.76 -4.63
N LEU A 27 -3.61 0.62 -4.67
CA LEU A 27 -2.26 0.51 -4.10
C LEU A 27 -1.24 1.26 -4.96
N ILE A 28 -1.48 1.30 -6.26
CA ILE A 28 -0.59 1.99 -7.18
C ILE A 28 -0.50 3.47 -6.84
N VAL A 29 -1.58 4.03 -6.33
CA VAL A 29 -1.62 5.44 -5.96
C VAL A 29 -0.94 5.67 -4.62
N HIS A 30 -0.65 4.59 -3.93
CA HIS A 30 0.01 4.68 -2.62
C HIS A 30 1.52 4.54 -2.76
N ILE A 31 1.95 3.76 -3.75
CA ILE A 31 3.38 3.56 -3.99
C ILE A 31 4.10 4.88 -4.21
N ARG A 32 3.34 5.90 -4.59
CA ARG A 32 3.89 7.23 -4.83
C ARG A 32 4.66 7.73 -3.61
N VAL A 33 4.28 7.23 -2.43
CA VAL A 33 4.92 7.63 -1.20
C VAL A 33 6.21 6.83 -0.96
N HIS A 34 6.28 5.65 -1.56
CA HIS A 34 7.45 4.79 -1.42
C HIS A 34 8.37 4.93 -2.63
N THR A 35 7.96 4.34 -3.75
CA THR A 35 8.75 4.40 -4.97
C THR A 35 8.14 5.36 -5.97
N GLY A 36 8.98 5.96 -6.81
CA GLY A 36 8.51 6.90 -7.81
C GLY A 36 7.36 6.33 -8.63
N SER A 37 6.14 6.77 -8.33
CA SER A 37 4.96 6.31 -9.04
C SER A 37 4.20 7.49 -9.65
N GLY A 38 4.92 8.37 -10.32
CA GLY A 38 4.30 9.52 -10.95
C GLY A 38 3.92 9.27 -12.39
N PRO A 39 3.58 10.35 -13.12
CA PRO A 39 3.19 10.26 -14.53
C PRO A 39 4.36 9.90 -15.43
N SER A 40 5.55 10.39 -15.09
CA SER A 40 6.74 10.11 -15.87
C SER A 40 8.00 10.27 -15.02
N SER A 41 8.12 11.40 -14.33
CA SER A 41 9.26 11.68 -13.48
C SER A 41 9.34 10.67 -12.34
N GLY A 42 10.32 9.77 -12.40
CA GLY A 42 10.49 8.77 -11.37
C GLY A 42 11.74 9.00 -10.54
ZN ZN B . 3.30 1.29 1.61
N GLY A 1 4.93 -12.64 17.99
CA GLY A 1 4.05 -11.84 18.83
C GLY A 1 3.02 -11.08 18.03
N SER A 2 1.95 -11.77 17.64
CA SER A 2 0.88 -11.15 16.86
C SER A 2 -0.47 -11.40 17.51
N SER A 3 -1.31 -10.36 17.54
CA SER A 3 -2.63 -10.47 18.13
C SER A 3 -3.56 -11.29 17.25
N GLY A 4 -3.62 -10.94 15.97
CA GLY A 4 -4.46 -11.65 15.04
C GLY A 4 -5.34 -10.72 14.22
N SER A 5 -5.54 -11.06 12.95
CA SER A 5 -6.36 -10.24 12.06
C SER A 5 -7.84 -10.31 12.47
N SER A 6 -8.54 -9.21 12.25
CA SER A 6 -9.97 -9.14 12.59
C SER A 6 -10.82 -9.04 11.34
N GLY A 7 -10.56 -9.93 10.38
CA GLY A 7 -11.32 -9.92 9.15
C GLY A 7 -10.77 -8.96 8.12
N GLY A 8 -11.34 -8.96 6.93
CA GLY A 8 -10.89 -8.07 5.87
C GLY A 8 -9.47 -8.38 5.44
N GLU A 9 -9.30 -9.51 4.75
CA GLU A 9 -7.99 -9.92 4.27
C GLU A 9 -7.92 -9.85 2.75
N LYS A 10 -7.12 -8.93 2.23
CA LYS A 10 -6.95 -8.76 0.79
C LYS A 10 -5.56 -9.15 0.35
N PRO A 11 -5.42 -9.53 -0.94
CA PRO A 11 -4.13 -9.93 -1.51
C PRO A 11 -3.17 -8.75 -1.66
N TYR A 12 -3.73 -7.55 -1.75
CA TYR A 12 -2.92 -6.35 -1.90
C TYR A 12 -2.49 -5.81 -0.53
N ARG A 13 -1.24 -6.10 -0.16
CA ARG A 13 -0.70 -5.65 1.12
C ARG A 13 0.71 -5.10 0.95
N CYS A 14 0.86 -3.79 1.13
CA CYS A 14 2.16 -3.15 1.00
C CYS A 14 3.11 -3.59 2.11
N ASP A 15 4.31 -4.00 1.73
CA ASP A 15 5.30 -4.44 2.69
C ASP A 15 6.20 -3.30 3.12
N GLN A 16 6.07 -2.16 2.43
CA GLN A 16 6.88 -0.98 2.74
C GLN A 16 6.35 -0.28 4.00
N CYS A 17 5.04 -0.26 4.16
CA CYS A 17 4.42 0.38 5.30
C CYS A 17 3.60 -0.63 6.11
N GLY A 18 3.02 -1.61 5.41
CA GLY A 18 2.23 -2.62 6.09
C GLY A 18 0.74 -2.30 6.06
N LYS A 19 0.23 -1.98 4.87
CA LYS A 19 -1.18 -1.66 4.72
C LYS A 19 -1.90 -2.72 3.90
N ALA A 20 -3.19 -2.52 3.67
CA ALA A 20 -3.99 -3.45 2.89
C ALA A 20 -4.97 -2.72 1.99
N PHE A 21 -5.14 -3.22 0.77
CA PHE A 21 -6.05 -2.61 -0.20
C PHE A 21 -6.97 -3.66 -0.81
N SER A 22 -8.16 -3.24 -1.21
CA SER A 22 -9.13 -4.14 -1.82
C SER A 22 -8.86 -4.31 -3.31
N GLN A 23 -8.27 -3.28 -3.92
CA GLN A 23 -7.96 -3.32 -5.34
C GLN A 23 -6.47 -3.06 -5.58
N LYS A 24 -6.00 -3.38 -6.77
CA LYS A 24 -4.60 -3.18 -7.12
C LYS A 24 -4.32 -1.70 -7.42
N GLY A 25 -5.11 -1.12 -8.31
CA GLY A 25 -4.94 0.27 -8.66
C GLY A 25 -4.80 1.17 -7.44
N SER A 26 -5.68 0.96 -6.46
CA SER A 26 -5.67 1.75 -5.24
C SER A 26 -4.28 1.77 -4.62
N LEU A 27 -3.60 0.63 -4.67
CA LEU A 27 -2.26 0.52 -4.12
C LEU A 27 -1.25 1.28 -4.97
N ILE A 28 -1.48 1.30 -6.28
CA ILE A 28 -0.59 2.00 -7.21
C ILE A 28 -0.50 3.47 -6.87
N VAL A 29 -1.59 4.03 -6.34
CA VAL A 29 -1.62 5.44 -5.97
C VAL A 29 -0.94 5.67 -4.62
N HIS A 30 -0.65 4.59 -3.93
CA HIS A 30 0.00 4.66 -2.62
C HIS A 30 1.52 4.54 -2.76
N ILE A 31 1.96 3.74 -3.74
CA ILE A 31 3.38 3.53 -3.97
C ILE A 31 4.09 4.86 -4.21
N ARG A 32 3.33 5.88 -4.61
CA ARG A 32 3.89 7.20 -4.87
C ARG A 32 4.66 7.71 -3.65
N VAL A 33 4.28 7.23 -2.48
CA VAL A 33 4.93 7.64 -1.24
C VAL A 33 6.21 6.85 -0.99
N HIS A 34 6.27 5.64 -1.57
CA HIS A 34 7.44 4.79 -1.41
C HIS A 34 8.36 4.92 -2.62
N THR A 35 7.96 4.33 -3.74
CA THR A 35 8.76 4.38 -4.96
C THR A 35 8.13 5.30 -6.00
N GLY A 36 8.96 5.90 -6.85
CA GLY A 36 8.45 6.80 -7.87
C GLY A 36 7.33 6.18 -8.68
N SER A 37 6.10 6.59 -8.40
CA SER A 37 4.94 6.06 -9.10
C SER A 37 4.20 7.18 -9.84
N GLY A 38 4.19 8.36 -9.23
CA GLY A 38 3.52 9.50 -9.85
C GLY A 38 4.25 10.80 -9.62
N PRO A 39 3.88 11.85 -10.38
CA PRO A 39 4.49 13.17 -10.27
C PRO A 39 4.14 13.87 -8.97
N SER A 40 5.00 13.72 -7.97
CA SER A 40 4.78 14.34 -6.67
C SER A 40 6.05 15.00 -6.16
N SER A 41 6.91 15.43 -7.09
CA SER A 41 8.15 16.09 -6.74
C SER A 41 8.95 15.24 -5.74
N GLY A 42 8.85 13.93 -5.88
CA GLY A 42 9.56 13.03 -4.98
C GLY A 42 10.38 12.00 -5.73
ZN ZN B . 3.28 1.29 1.61
N GLY A 1 2.30 8.77 15.83
CA GLY A 1 2.53 7.40 15.42
C GLY A 1 1.29 6.55 15.51
N SER A 2 0.14 7.13 15.15
CA SER A 2 -1.13 6.42 15.21
C SER A 2 -1.34 5.59 13.95
N SER A 3 -1.02 4.31 14.02
CA SER A 3 -1.16 3.40 12.88
C SER A 3 -1.25 1.96 13.34
N GLY A 4 -2.27 1.25 12.87
CA GLY A 4 -2.45 -0.14 13.24
C GLY A 4 -3.91 -0.50 13.45
N SER A 5 -4.75 -0.16 12.48
CA SER A 5 -6.17 -0.45 12.56
C SER A 5 -6.67 -1.14 11.30
N SER A 6 -5.77 -1.86 10.63
CA SER A 6 -6.11 -2.56 9.40
C SER A 6 -6.33 -4.05 9.67
N GLY A 7 -6.77 -4.77 8.64
CA GLY A 7 -7.01 -6.19 8.79
C GLY A 7 -5.92 -7.03 8.14
N GLY A 8 -5.97 -7.15 6.82
CA GLY A 8 -4.98 -7.94 6.11
C GLY A 8 -5.56 -9.20 5.50
N GLU A 9 -6.74 -9.07 4.91
CA GLU A 9 -7.41 -10.20 4.28
C GLU A 9 -7.26 -10.16 2.76
N LYS A 10 -7.11 -8.95 2.22
CA LYS A 10 -6.96 -8.77 0.78
C LYS A 10 -5.54 -9.15 0.34
N PRO A 11 -5.41 -9.53 -0.94
CA PRO A 11 -4.12 -9.93 -1.52
C PRO A 11 -3.17 -8.75 -1.66
N TYR A 12 -3.72 -7.55 -1.76
CA TYR A 12 -2.92 -6.34 -1.91
C TYR A 12 -2.50 -5.80 -0.54
N ARG A 13 -1.25 -6.08 -0.16
CA ARG A 13 -0.72 -5.63 1.11
C ARG A 13 0.70 -5.09 0.94
N CYS A 14 0.85 -3.78 1.12
CA CYS A 14 2.15 -3.14 0.99
C CYS A 14 3.09 -3.58 2.11
N ASP A 15 4.29 -4.00 1.74
CA ASP A 15 5.28 -4.44 2.70
C ASP A 15 6.18 -3.28 3.14
N GLN A 16 6.07 -2.16 2.43
CA GLN A 16 6.88 -0.98 2.73
C GLN A 16 6.36 -0.28 3.98
N CYS A 17 5.04 -0.26 4.14
CA CYS A 17 4.42 0.37 5.30
C CYS A 17 3.61 -0.62 6.11
N GLY A 18 3.03 -1.60 5.42
CA GLY A 18 2.24 -2.61 6.09
C GLY A 18 0.75 -2.30 6.06
N LYS A 19 0.24 -1.99 4.88
CA LYS A 19 -1.17 -1.66 4.72
C LYS A 19 -1.89 -2.72 3.90
N ALA A 20 -3.19 -2.52 3.67
CA ALA A 20 -3.99 -3.45 2.89
C ALA A 20 -4.97 -2.72 1.99
N PHE A 21 -5.14 -3.22 0.77
CA PHE A 21 -6.05 -2.62 -0.19
C PHE A 21 -6.97 -3.66 -0.81
N SER A 22 -8.17 -3.24 -1.20
CA SER A 22 -9.13 -4.14 -1.81
C SER A 22 -8.86 -4.32 -3.30
N GLN A 23 -8.29 -3.29 -3.91
CA GLN A 23 -7.96 -3.32 -5.34
C GLN A 23 -6.48 -3.07 -5.57
N LYS A 24 -6.01 -3.38 -6.77
CA LYS A 24 -4.61 -3.19 -7.12
C LYS A 24 -4.33 -1.72 -7.41
N GLY A 25 -5.11 -1.13 -8.32
CA GLY A 25 -4.92 0.27 -8.67
C GLY A 25 -4.80 1.16 -7.45
N SER A 26 -5.68 0.95 -6.47
CA SER A 26 -5.67 1.75 -5.25
C SER A 26 -4.28 1.76 -4.63
N LEU A 27 -3.60 0.63 -4.67
CA LEU A 27 -2.26 0.52 -4.11
C LEU A 27 -1.25 1.27 -4.96
N ILE A 28 -1.49 1.29 -6.27
CA ILE A 28 -0.60 1.99 -7.20
C ILE A 28 -0.49 3.47 -6.86
N VAL A 29 -1.59 4.03 -6.35
CA VAL A 29 -1.62 5.44 -5.97
C VAL A 29 -0.94 5.67 -4.63
N HIS A 30 -0.65 4.59 -3.93
CA HIS A 30 0.01 4.67 -2.63
C HIS A 30 1.53 4.54 -2.77
N ILE A 31 1.95 3.75 -3.75
CA ILE A 31 3.37 3.55 -3.99
C ILE A 31 4.10 4.87 -4.21
N ARG A 32 3.34 5.89 -4.61
CA ARG A 32 3.90 7.22 -4.85
C ARG A 32 4.66 7.72 -3.62
N VAL A 33 4.28 7.22 -2.45
CA VAL A 33 4.94 7.62 -1.21
C VAL A 33 6.21 6.83 -0.98
N HIS A 34 6.28 5.64 -1.56
CA HIS A 34 7.45 4.78 -1.42
C HIS A 34 8.37 4.91 -2.64
N THR A 35 7.97 4.31 -3.75
CA THR A 35 8.75 4.36 -4.98
C THR A 35 8.17 5.38 -5.96
N GLY A 36 9.04 5.96 -6.79
CA GLY A 36 8.60 6.93 -7.77
C GLY A 36 7.43 6.44 -8.60
N SER A 37 6.24 6.92 -8.27
CA SER A 37 5.04 6.51 -9.00
C SER A 37 4.21 7.73 -9.41
N GLY A 38 4.89 8.87 -9.58
CA GLY A 38 4.21 10.09 -9.97
C GLY A 38 4.58 10.53 -11.38
N PRO A 39 3.79 11.46 -11.93
CA PRO A 39 4.01 11.98 -13.28
C PRO A 39 5.27 12.85 -13.36
N SER A 40 5.41 13.78 -12.43
CA SER A 40 6.55 14.67 -12.40
C SER A 40 6.60 15.46 -11.09
N SER A 41 7.35 14.94 -10.12
CA SER A 41 7.48 15.59 -8.82
C SER A 41 8.73 15.13 -8.11
N GLY A 42 8.96 13.82 -8.09
CA GLY A 42 10.13 13.26 -7.44
C GLY A 42 9.95 11.81 -7.06
ZN ZN B . 3.29 1.30 1.61
N GLY A 1 9.83 -13.45 18.78
CA GLY A 1 9.09 -13.72 19.99
C GLY A 1 7.59 -13.84 19.74
N SER A 2 6.81 -13.77 20.80
CA SER A 2 5.36 -13.88 20.70
C SER A 2 4.74 -12.55 20.27
N SER A 3 3.93 -12.60 19.22
CA SER A 3 3.29 -11.39 18.72
C SER A 3 2.14 -11.75 17.77
N GLY A 4 1.53 -10.73 17.17
CA GLY A 4 0.44 -10.96 16.25
C GLY A 4 0.11 -9.73 15.42
N SER A 5 -0.34 -9.95 14.18
CA SER A 5 -0.67 -8.85 13.29
C SER A 5 -2.18 -8.58 13.31
N SER A 6 -2.95 -9.54 12.80
CA SER A 6 -4.40 -9.40 12.75
C SER A 6 -4.80 -8.15 11.98
N GLY A 7 -4.65 -8.19 10.66
CA GLY A 7 -5.00 -7.06 9.83
C GLY A 7 -4.54 -7.21 8.40
N GLY A 8 -5.35 -7.90 7.60
CA GLY A 8 -5.00 -8.12 6.20
C GLY A 8 -5.70 -9.32 5.61
N GLU A 9 -6.80 -9.07 4.89
CA GLU A 9 -7.56 -10.16 4.28
C GLU A 9 -7.42 -10.12 2.75
N LYS A 10 -7.14 -8.94 2.22
CA LYS A 10 -6.98 -8.77 0.78
C LYS A 10 -5.57 -9.17 0.35
N PRO A 11 -5.45 -9.54 -0.93
CA PRO A 11 -4.16 -9.96 -1.50
C PRO A 11 -3.19 -8.79 -1.65
N TYR A 12 -3.73 -7.58 -1.73
CA TYR A 12 -2.90 -6.39 -1.87
C TYR A 12 -2.47 -5.86 -0.51
N ARG A 13 -1.21 -6.11 -0.15
CA ARG A 13 -0.67 -5.66 1.12
C ARG A 13 0.73 -5.11 0.96
N CYS A 14 0.87 -3.79 1.12
CA CYS A 14 2.17 -3.14 0.99
C CYS A 14 3.12 -3.58 2.10
N ASP A 15 4.33 -3.98 1.71
CA ASP A 15 5.34 -4.43 2.67
C ASP A 15 6.22 -3.27 3.11
N GLN A 16 6.09 -2.14 2.43
CA GLN A 16 6.88 -0.96 2.74
C GLN A 16 6.36 -0.27 3.99
N CYS A 17 5.03 -0.25 4.15
CA CYS A 17 4.40 0.37 5.30
C CYS A 17 3.59 -0.64 6.10
N GLY A 18 3.03 -1.61 5.40
CA GLY A 18 2.23 -2.63 6.06
C GLY A 18 0.74 -2.31 6.04
N LYS A 19 0.24 -1.97 4.86
CA LYS A 19 -1.18 -1.64 4.71
C LYS A 19 -1.90 -2.70 3.89
N ALA A 20 -3.19 -2.49 3.67
CA ALA A 20 -4.00 -3.43 2.89
C ALA A 20 -4.98 -2.70 1.98
N PHE A 21 -5.16 -3.21 0.77
CA PHE A 21 -6.07 -2.60 -0.19
C PHE A 21 -6.98 -3.65 -0.81
N SER A 22 -8.18 -3.22 -1.21
CA SER A 22 -9.15 -4.13 -1.82
C SER A 22 -8.87 -4.30 -3.31
N GLN A 23 -8.29 -3.27 -3.93
CA GLN A 23 -7.97 -3.31 -5.34
C GLN A 23 -6.48 -3.05 -5.58
N LYS A 24 -6.01 -3.38 -6.77
CA LYS A 24 -4.61 -3.19 -7.12
C LYS A 24 -4.32 -1.72 -7.41
N GLY A 25 -5.10 -1.14 -8.31
CA GLY A 25 -4.91 0.26 -8.67
C GLY A 25 -4.79 1.16 -7.45
N SER A 26 -5.68 0.95 -6.48
CA SER A 26 -5.67 1.76 -5.26
C SER A 26 -4.28 1.77 -4.64
N LEU A 27 -3.60 0.63 -4.67
CA LEU A 27 -2.26 0.51 -4.10
C LEU A 27 -1.25 1.27 -4.96
N ILE A 28 -1.49 1.30 -6.26
CA ILE A 28 -0.59 1.98 -7.19
C ILE A 28 -0.50 3.47 -6.85
N VAL A 29 -1.58 4.02 -6.34
CA VAL A 29 -1.62 5.44 -5.98
C VAL A 29 -0.94 5.67 -4.63
N HIS A 30 -0.65 4.59 -3.93
CA HIS A 30 0.01 4.68 -2.62
C HIS A 30 1.52 4.54 -2.76
N ILE A 31 1.95 3.76 -3.75
CA ILE A 31 3.37 3.55 -3.98
C ILE A 31 4.09 4.87 -4.21
N ARG A 32 3.33 5.89 -4.59
CA ARG A 32 3.90 7.21 -4.84
C ARG A 32 4.67 7.72 -3.63
N VAL A 33 4.28 7.23 -2.45
CA VAL A 33 4.94 7.62 -1.21
C VAL A 33 6.21 6.83 -0.98
N HIS A 34 6.28 5.63 -1.56
CA HIS A 34 7.45 4.78 -1.42
C HIS A 34 8.36 4.91 -2.63
N THR A 35 7.96 4.30 -3.74
CA THR A 35 8.74 4.35 -4.97
C THR A 35 8.13 5.31 -5.98
N GLY A 36 8.98 5.88 -6.82
CA GLY A 36 8.50 6.82 -7.83
C GLY A 36 7.36 6.26 -8.64
N SER A 37 6.14 6.71 -8.34
CA SER A 37 4.96 6.23 -9.05
C SER A 37 4.18 7.40 -9.65
N GLY A 38 4.91 8.31 -10.30
CA GLY A 38 4.27 9.47 -10.91
C GLY A 38 5.26 10.56 -11.24
N PRO A 39 5.71 11.30 -10.21
CA PRO A 39 6.67 12.38 -10.37
C PRO A 39 8.06 11.89 -10.75
N SER A 40 8.36 11.92 -12.04
CA SER A 40 9.67 11.47 -12.53
C SER A 40 10.55 12.66 -12.91
N SER A 41 10.48 13.71 -12.09
CA SER A 41 11.28 14.91 -12.34
C SER A 41 12.62 14.83 -11.62
N GLY A 42 12.63 14.17 -10.47
CA GLY A 42 13.85 14.04 -9.70
C GLY A 42 13.61 14.13 -8.20
ZN ZN B . 3.28 1.30 1.62
N GLY A 1 8.59 0.95 22.49
CA GLY A 1 8.40 0.26 21.23
C GLY A 1 6.95 -0.08 20.96
N SER A 2 6.70 -0.78 19.87
CA SER A 2 5.34 -1.17 19.49
C SER A 2 5.33 -2.53 18.80
N SER A 3 4.20 -3.21 18.89
CA SER A 3 4.05 -4.53 18.27
C SER A 3 2.59 -4.81 17.92
N GLY A 4 2.36 -5.90 17.21
CA GLY A 4 1.01 -6.27 16.83
C GLY A 4 0.74 -6.03 15.35
N SER A 5 -0.46 -5.58 15.04
CA SER A 5 -0.85 -5.31 13.65
C SER A 5 -0.68 -6.56 12.80
N SER A 6 -1.72 -7.40 12.77
CA SER A 6 -1.69 -8.63 11.99
C SER A 6 -3.09 -9.02 11.53
N GLY A 7 -3.16 -9.81 10.47
CA GLY A 7 -4.45 -10.24 9.94
C GLY A 7 -4.34 -10.78 8.53
N GLY A 8 -4.70 -9.96 7.55
CA GLY A 8 -4.65 -10.37 6.17
C GLY A 8 -6.02 -10.70 5.61
N GLU A 9 -6.59 -9.77 4.84
CA GLU A 9 -7.90 -9.97 4.24
C GLU A 9 -7.82 -9.91 2.72
N LYS A 10 -7.09 -8.92 2.21
CA LYS A 10 -6.92 -8.74 0.78
C LYS A 10 -5.53 -9.13 0.33
N PRO A 11 -5.39 -9.52 -0.95
CA PRO A 11 -4.11 -9.93 -1.53
C PRO A 11 -3.14 -8.76 -1.68
N TYR A 12 -3.69 -7.55 -1.76
CA TYR A 12 -2.87 -6.35 -1.91
C TYR A 12 -2.45 -5.82 -0.54
N ARG A 13 -1.21 -6.11 -0.17
CA ARG A 13 -0.68 -5.67 1.12
C ARG A 13 0.73 -5.11 0.94
N CYS A 14 0.88 -3.80 1.13
CA CYS A 14 2.18 -3.15 1.00
C CYS A 14 3.11 -3.59 2.11
N ASP A 15 4.33 -3.99 1.74
CA ASP A 15 5.33 -4.44 2.70
C ASP A 15 6.22 -3.27 3.13
N GLN A 16 6.08 -2.14 2.45
CA GLN A 16 6.88 -0.96 2.77
C GLN A 16 6.34 -0.26 4.02
N CYS A 17 5.02 -0.25 4.16
CA CYS A 17 4.39 0.39 5.32
C CYS A 17 3.58 -0.63 6.11
N GLY A 18 3.01 -1.61 5.42
CA GLY A 18 2.22 -2.63 6.07
C GLY A 18 0.74 -2.31 6.06
N LYS A 19 0.21 -2.00 4.88
CA LYS A 19 -1.20 -1.67 4.73
C LYS A 19 -1.92 -2.73 3.90
N ALA A 20 -3.20 -2.52 3.67
CA ALA A 20 -4.01 -3.46 2.89
C ALA A 20 -4.98 -2.72 1.99
N PHE A 21 -5.15 -3.21 0.76
CA PHE A 21 -6.05 -2.59 -0.20
C PHE A 21 -6.98 -3.63 -0.82
N SER A 22 -8.18 -3.21 -1.19
CA SER A 22 -9.16 -4.11 -1.80
C SER A 22 -8.88 -4.29 -3.29
N GLN A 23 -8.30 -3.27 -3.90
CA GLN A 23 -7.99 -3.30 -5.33
C GLN A 23 -6.51 -3.05 -5.56
N LYS A 24 -6.04 -3.37 -6.76
CA LYS A 24 -4.64 -3.18 -7.12
C LYS A 24 -4.35 -1.70 -7.40
N GLY A 25 -5.12 -1.12 -8.31
CA GLY A 25 -4.94 0.27 -8.66
C GLY A 25 -4.81 1.17 -7.44
N SER A 26 -5.70 0.96 -6.46
CA SER A 26 -5.69 1.76 -5.25
C SER A 26 -4.29 1.77 -4.62
N LEU A 27 -3.61 0.63 -4.67
CA LEU A 27 -2.27 0.51 -4.12
C LEU A 27 -1.25 1.26 -4.98
N ILE A 28 -1.50 1.28 -6.28
CA ILE A 28 -0.60 1.96 -7.22
C ILE A 28 -0.50 3.44 -6.90
N VAL A 29 -1.58 4.00 -6.35
CA VAL A 29 -1.61 5.41 -5.99
C VAL A 29 -0.93 5.66 -4.64
N HIS A 30 -0.64 4.57 -3.94
CA HIS A 30 0.01 4.66 -2.63
C HIS A 30 1.52 4.54 -2.76
N ILE A 31 1.95 3.74 -3.74
CA ILE A 31 3.38 3.54 -3.97
C ILE A 31 4.09 4.87 -4.21
N ARG A 32 3.33 5.88 -4.61
CA ARG A 32 3.90 7.19 -4.86
C ARG A 32 4.67 7.70 -3.64
N VAL A 33 4.29 7.22 -2.47
CA VAL A 33 4.94 7.63 -1.23
C VAL A 33 6.22 6.84 -1.00
N HIS A 34 6.27 5.63 -1.55
CA HIS A 34 7.44 4.77 -1.40
C HIS A 34 8.37 4.90 -2.62
N THR A 35 7.96 4.30 -3.73
CA THR A 35 8.75 4.34 -4.95
C THR A 35 8.16 5.33 -5.95
N GLY A 36 9.02 5.90 -6.79
CA GLY A 36 8.57 6.87 -7.77
C GLY A 36 7.42 6.34 -8.61
N SER A 37 6.21 6.81 -8.30
CA SER A 37 5.02 6.38 -9.03
C SER A 37 4.25 7.58 -9.58
N GLY A 38 4.97 8.68 -9.80
CA GLY A 38 4.35 9.89 -10.32
C GLY A 38 5.35 10.99 -10.59
N PRO A 39 4.92 12.02 -11.34
CA PRO A 39 5.77 13.16 -11.68
C PRO A 39 6.08 14.04 -10.47
N SER A 40 6.73 15.16 -10.72
CA SER A 40 7.10 16.09 -9.65
C SER A 40 7.88 15.37 -8.56
N SER A 41 8.58 14.32 -8.93
CA SER A 41 9.37 13.54 -7.98
C SER A 41 10.33 14.43 -7.21
N GLY A 42 10.61 14.07 -5.97
CA GLY A 42 11.51 14.86 -5.14
C GLY A 42 12.83 14.15 -4.91
ZN ZN B . 3.27 1.30 1.63
N GLY A 1 1.95 7.95 15.63
CA GLY A 1 0.74 7.27 16.05
C GLY A 1 0.71 5.81 15.61
N SER A 2 -0.36 5.43 14.91
CA SER A 2 -0.50 4.06 14.44
C SER A 2 -0.55 3.09 15.60
N SER A 3 -0.48 1.80 15.28
CA SER A 3 -0.51 0.75 16.30
C SER A 3 -0.18 -0.60 15.70
N GLY A 4 -0.97 -1.02 14.72
CA GLY A 4 -0.72 -2.31 14.08
C GLY A 4 -1.69 -3.38 14.56
N SER A 5 -2.13 -4.22 13.63
CA SER A 5 -3.07 -5.30 13.96
C SER A 5 -3.03 -6.39 12.90
N SER A 6 -3.85 -7.42 13.09
CA SER A 6 -3.91 -8.53 12.15
C SER A 6 -4.61 -8.12 10.86
N GLY A 7 -4.37 -8.89 9.80
CA GLY A 7 -4.99 -8.59 8.52
C GLY A 7 -5.11 -9.82 7.63
N GLY A 8 -4.34 -9.85 6.55
CA GLY A 8 -4.38 -10.97 5.64
C GLY A 8 -5.73 -11.13 4.98
N GLU A 9 -6.47 -10.03 4.86
CA GLU A 9 -7.78 -10.05 4.24
C GLU A 9 -7.67 -10.01 2.72
N LYS A 10 -7.13 -8.90 2.22
CA LYS A 10 -6.96 -8.73 0.77
C LYS A 10 -5.56 -9.13 0.33
N PRO A 11 -5.44 -9.53 -0.95
CA PRO A 11 -4.15 -9.95 -1.52
C PRO A 11 -3.18 -8.78 -1.68
N TYR A 12 -3.71 -7.57 -1.75
CA TYR A 12 -2.89 -6.38 -1.91
C TYR A 12 -2.47 -5.84 -0.54
N ARG A 13 -1.23 -6.14 -0.15
CA ARG A 13 -0.70 -5.68 1.12
C ARG A 13 0.71 -5.13 0.96
N CYS A 14 0.86 -3.83 1.13
CA CYS A 14 2.16 -3.17 1.00
C CYS A 14 3.10 -3.61 2.12
N ASP A 15 4.31 -4.02 1.74
CA ASP A 15 5.31 -4.46 2.71
C ASP A 15 6.20 -3.31 3.13
N GLN A 16 6.07 -2.18 2.44
CA GLN A 16 6.87 -0.99 2.74
C GLN A 16 6.35 -0.29 4.00
N CYS A 17 5.03 -0.28 4.15
CA CYS A 17 4.41 0.36 5.30
C CYS A 17 3.60 -0.65 6.11
N GLY A 18 3.03 -1.63 5.42
CA GLY A 18 2.23 -2.64 6.10
C GLY A 18 0.74 -2.32 6.08
N LYS A 19 0.22 -2.02 4.89
CA LYS A 19 -1.19 -1.70 4.74
C LYS A 19 -1.90 -2.74 3.89
N ALA A 20 -3.20 -2.54 3.66
CA ALA A 20 -3.99 -3.47 2.87
C ALA A 20 -4.98 -2.73 1.98
N PHE A 21 -5.14 -3.21 0.75
CA PHE A 21 -6.05 -2.59 -0.19
C PHE A 21 -6.97 -3.62 -0.82
N SER A 22 -8.18 -3.20 -1.19
CA SER A 22 -9.15 -4.09 -1.79
C SER A 22 -8.88 -4.28 -3.28
N GLN A 23 -8.29 -3.26 -3.90
CA GLN A 23 -7.98 -3.31 -5.32
C GLN A 23 -6.49 -3.06 -5.55
N LYS A 24 -6.02 -3.37 -6.75
CA LYS A 24 -4.61 -3.19 -7.10
C LYS A 24 -4.32 -1.72 -7.40
N GLY A 25 -5.11 -1.13 -8.30
CA GLY A 25 -4.91 0.27 -8.65
C GLY A 25 -4.78 1.16 -7.44
N SER A 26 -5.67 0.97 -6.46
CA SER A 26 -5.64 1.76 -5.24
C SER A 26 -4.25 1.77 -4.63
N LEU A 27 -3.58 0.62 -4.66
CA LEU A 27 -2.24 0.51 -4.11
C LEU A 27 -1.22 1.25 -4.97
N ILE A 28 -1.47 1.29 -6.27
CA ILE A 28 -0.58 1.98 -7.20
C ILE A 28 -0.48 3.45 -6.87
N VAL A 29 -1.56 4.02 -6.35
CA VAL A 29 -1.58 5.43 -5.98
C VAL A 29 -0.92 5.66 -4.63
N HIS A 30 -0.63 4.57 -3.92
CA HIS A 30 0.00 4.66 -2.61
C HIS A 30 1.52 4.55 -2.74
N ILE A 31 1.97 3.75 -3.71
CA ILE A 31 3.40 3.56 -3.93
C ILE A 31 4.09 4.89 -4.22
N ARG A 32 3.32 5.88 -4.62
CA ARG A 32 3.85 7.20 -4.93
C ARG A 32 4.63 7.76 -3.73
N VAL A 33 4.28 7.30 -2.54
CA VAL A 33 4.94 7.74 -1.31
C VAL A 33 6.21 6.93 -1.05
N HIS A 34 6.25 5.71 -1.58
CA HIS A 34 7.40 4.84 -1.40
C HIS A 34 8.37 4.98 -2.56
N THR A 35 8.01 4.40 -3.70
CA THR A 35 8.85 4.46 -4.89
C THR A 35 8.31 5.47 -5.91
N GLY A 36 9.20 6.05 -6.70
CA GLY A 36 8.79 7.01 -7.69
C GLY A 36 7.67 6.50 -8.59
N SER A 37 6.45 6.95 -8.33
CA SER A 37 5.29 6.52 -9.10
C SER A 37 4.67 7.69 -9.84
N GLY A 38 4.86 8.89 -9.30
CA GLY A 38 4.31 10.09 -9.92
C GLY A 38 5.04 11.35 -9.51
N PRO A 39 4.78 11.81 -8.28
CA PRO A 39 5.42 13.02 -7.74
C PRO A 39 6.90 12.82 -7.46
N SER A 40 7.73 13.08 -8.47
CA SER A 40 9.18 12.91 -8.34
C SER A 40 9.75 13.98 -7.39
N SER A 41 10.86 13.64 -6.75
CA SER A 41 11.51 14.56 -5.82
C SER A 41 10.56 14.96 -4.70
N GLY A 42 10.99 15.90 -3.87
CA GLY A 42 10.16 16.35 -2.77
C GLY A 42 10.92 17.24 -1.81
ZN ZN B . 3.28 1.26 1.63
N GLY A 1 -3.67 -8.54 15.77
CA GLY A 1 -3.46 -9.88 16.30
C GLY A 1 -2.32 -10.60 15.62
N SER A 2 -1.69 -11.52 16.34
CA SER A 2 -0.57 -12.28 15.81
C SER A 2 -1.04 -13.57 15.14
N SER A 3 -1.87 -14.32 15.85
CA SER A 3 -2.40 -15.57 15.33
C SER A 3 -3.93 -15.62 15.47
N GLY A 4 -4.62 -15.19 14.41
CA GLY A 4 -6.07 -15.20 14.44
C GLY A 4 -6.67 -15.28 13.05
N SER A 5 -6.34 -14.30 12.21
CA SER A 5 -6.86 -14.26 10.84
C SER A 5 -8.38 -14.33 10.84
N SER A 6 -9.02 -13.20 11.14
CA SER A 6 -10.47 -13.14 11.18
C SER A 6 -10.98 -11.94 10.37
N GLY A 7 -12.02 -12.18 9.57
CA GLY A 7 -12.58 -11.11 8.76
C GLY A 7 -12.34 -11.33 7.27
N GLY A 8 -11.49 -10.51 6.68
CA GLY A 8 -11.19 -10.62 5.27
C GLY A 8 -9.93 -9.89 4.87
N GLU A 9 -8.89 -10.64 4.53
CA GLU A 9 -7.62 -10.05 4.12
C GLU A 9 -7.48 -10.02 2.60
N LYS A 10 -7.11 -8.86 2.08
CA LYS A 10 -6.94 -8.70 0.64
C LYS A 10 -5.53 -9.10 0.20
N PRO A 11 -5.41 -9.52 -1.07
CA PRO A 11 -4.13 -9.94 -1.63
C PRO A 11 -3.16 -8.78 -1.82
N TYR A 12 -3.70 -7.56 -1.77
CA TYR A 12 -2.87 -6.37 -1.94
C TYR A 12 -2.47 -5.80 -0.58
N ARG A 13 -1.24 -6.10 -0.17
CA ARG A 13 -0.71 -5.62 1.11
C ARG A 13 0.71 -5.08 0.95
N CYS A 14 0.85 -3.77 1.11
CA CYS A 14 2.16 -3.13 0.98
C CYS A 14 3.08 -3.56 2.11
N ASP A 15 4.30 -3.95 1.75
CA ASP A 15 5.29 -4.39 2.73
C ASP A 15 6.17 -3.23 3.17
N GLN A 16 6.10 -2.13 2.44
CA GLN A 16 6.89 -0.95 2.75
C GLN A 16 6.35 -0.25 3.99
N CYS A 17 5.03 -0.25 4.15
CA CYS A 17 4.39 0.38 5.30
C CYS A 17 3.58 -0.63 6.10
N GLY A 18 3.02 -1.62 5.40
CA GLY A 18 2.24 -2.64 6.07
C GLY A 18 0.75 -2.32 6.05
N LYS A 19 0.22 -2.00 4.88
CA LYS A 19 -1.19 -1.68 4.74
C LYS A 19 -1.92 -2.73 3.91
N ALA A 20 -3.22 -2.52 3.70
CA ALA A 20 -4.02 -3.45 2.91
C ALA A 20 -4.99 -2.70 2.00
N PHE A 21 -5.11 -3.18 0.77
CA PHE A 21 -6.00 -2.55 -0.21
C PHE A 21 -6.94 -3.58 -0.83
N SER A 22 -8.17 -3.15 -1.11
CA SER A 22 -9.16 -4.05 -1.70
C SER A 22 -8.88 -4.26 -3.18
N GLN A 23 -8.30 -3.25 -3.83
CA GLN A 23 -7.98 -3.33 -5.25
C GLN A 23 -6.49 -3.07 -5.49
N LYS A 24 -6.03 -3.42 -6.68
CA LYS A 24 -4.63 -3.23 -7.04
C LYS A 24 -4.34 -1.76 -7.35
N GLY A 25 -5.14 -1.19 -8.25
CA GLY A 25 -4.95 0.20 -8.61
C GLY A 25 -4.81 1.11 -7.41
N SER A 26 -5.68 0.91 -6.43
CA SER A 26 -5.65 1.72 -5.21
C SER A 26 -4.25 1.76 -4.61
N LEU A 27 -3.58 0.62 -4.64
CA LEU A 27 -2.22 0.51 -4.10
C LEU A 27 -1.23 1.26 -4.98
N ILE A 28 -1.48 1.25 -6.28
CA ILE A 28 -0.60 1.93 -7.24
C ILE A 28 -0.49 3.42 -6.92
N VAL A 29 -1.57 3.98 -6.37
CA VAL A 29 -1.60 5.39 -6.02
C VAL A 29 -0.92 5.64 -4.68
N HIS A 30 -0.64 4.55 -3.96
CA HIS A 30 0.01 4.64 -2.66
C HIS A 30 1.52 4.52 -2.79
N ILE A 31 1.96 3.75 -3.78
CA ILE A 31 3.39 3.55 -4.01
C ILE A 31 4.10 4.88 -4.22
N ARG A 32 3.35 5.90 -4.60
CA ARG A 32 3.91 7.22 -4.84
C ARG A 32 4.66 7.72 -3.61
N VAL A 33 4.27 7.22 -2.44
CA VAL A 33 4.90 7.60 -1.18
C VAL A 33 6.19 6.83 -0.95
N HIS A 34 6.27 5.64 -1.54
CA HIS A 34 7.45 4.79 -1.40
C HIS A 34 8.37 4.93 -2.62
N THR A 35 7.96 4.33 -3.73
CA THR A 35 8.75 4.39 -4.96
C THR A 35 8.16 5.38 -5.94
N GLY A 36 9.02 5.97 -6.77
CA GLY A 36 8.55 6.94 -7.75
C GLY A 36 7.40 6.41 -8.59
N SER A 37 6.20 6.86 -8.28
CA SER A 37 5.01 6.42 -9.01
C SER A 37 4.18 7.62 -9.47
N GLY A 38 3.31 7.39 -10.44
CA GLY A 38 2.46 8.46 -10.95
C GLY A 38 2.85 8.87 -12.36
N PRO A 39 2.19 9.92 -12.88
CA PRO A 39 2.45 10.43 -14.22
C PRO A 39 3.80 11.10 -14.34
N SER A 40 4.28 11.65 -13.22
CA SER A 40 5.57 12.33 -13.20
C SER A 40 6.21 12.25 -11.81
N SER A 41 7.50 11.96 -11.79
CA SER A 41 8.23 11.84 -10.52
C SER A 41 9.72 12.15 -10.73
N GLY A 42 10.44 12.23 -9.62
CA GLY A 42 11.88 12.52 -9.69
C GLY A 42 12.16 13.99 -9.94
ZN ZN B . 3.29 1.30 1.60
N GLY A 1 -13.80 11.25 16.13
CA GLY A 1 -13.40 11.69 14.81
C GLY A 1 -13.79 10.71 13.72
N SER A 2 -12.80 10.16 13.04
CA SER A 2 -13.04 9.21 11.97
C SER A 2 -12.71 7.78 12.42
N SER A 3 -13.68 6.88 12.28
CA SER A 3 -13.50 5.49 12.67
C SER A 3 -12.87 4.69 11.53
N GLY A 4 -12.69 3.39 11.76
CA GLY A 4 -12.10 2.53 10.76
C GLY A 4 -12.18 1.06 11.13
N SER A 5 -13.31 0.43 10.83
CA SER A 5 -13.50 -0.98 11.15
C SER A 5 -12.66 -1.86 10.23
N SER A 6 -12.51 -3.13 10.61
CA SER A 6 -11.73 -4.07 9.82
C SER A 6 -12.64 -4.91 8.92
N GLY A 7 -12.05 -5.49 7.88
CA GLY A 7 -12.82 -6.32 6.96
C GLY A 7 -12.15 -7.65 6.68
N GLY A 8 -11.94 -7.94 5.40
CA GLY A 8 -11.32 -9.20 5.03
C GLY A 8 -9.89 -9.02 4.53
N GLU A 9 -9.11 -10.10 4.57
CA GLU A 9 -7.73 -10.05 4.12
C GLU A 9 -7.65 -9.97 2.60
N LYS A 10 -7.04 -8.91 2.09
CA LYS A 10 -6.89 -8.72 0.66
C LYS A 10 -5.50 -9.13 0.20
N PRO A 11 -5.39 -9.52 -1.08
CA PRO A 11 -4.12 -9.94 -1.67
C PRO A 11 -3.15 -8.77 -1.85
N TYR A 12 -3.68 -7.55 -1.77
CA TYR A 12 -2.87 -6.35 -1.92
C TYR A 12 -2.46 -5.79 -0.57
N ARG A 13 -1.23 -6.10 -0.17
CA ARG A 13 -0.70 -5.63 1.11
C ARG A 13 0.72 -5.09 0.95
N CYS A 14 0.87 -3.78 1.12
CA CYS A 14 2.16 -3.13 0.99
C CYS A 14 3.09 -3.56 2.12
N ASP A 15 4.31 -3.96 1.77
CA ASP A 15 5.30 -4.39 2.75
C ASP A 15 6.17 -3.22 3.18
N GLN A 16 6.09 -2.11 2.45
CA GLN A 16 6.88 -0.94 2.77
C GLN A 16 6.34 -0.24 4.01
N CYS A 17 5.03 -0.23 4.16
CA CYS A 17 4.38 0.40 5.31
C CYS A 17 3.57 -0.62 6.10
N GLY A 18 3.01 -1.60 5.41
CA GLY A 18 2.23 -2.63 6.07
C GLY A 18 0.75 -2.32 6.06
N LYS A 19 0.21 -2.00 4.88
CA LYS A 19 -1.20 -1.67 4.74
C LYS A 19 -1.92 -2.74 3.90
N ALA A 20 -3.22 -2.53 3.69
CA ALA A 20 -4.01 -3.46 2.91
C ALA A 20 -5.00 -2.72 2.01
N PHE A 21 -5.12 -3.17 0.77
CA PHE A 21 -6.02 -2.54 -0.18
C PHE A 21 -6.95 -3.58 -0.81
N SER A 22 -8.18 -3.16 -1.11
CA SER A 22 -9.17 -4.04 -1.70
C SER A 22 -8.90 -4.25 -3.19
N GLN A 23 -8.32 -3.24 -3.83
CA GLN A 23 -8.01 -3.31 -5.25
C GLN A 23 -6.52 -3.06 -5.50
N LYS A 24 -6.06 -3.39 -6.69
CA LYS A 24 -4.66 -3.21 -7.04
C LYS A 24 -4.36 -1.75 -7.36
N GLY A 25 -5.15 -1.18 -8.26
CA GLY A 25 -4.95 0.22 -8.64
C GLY A 25 -4.82 1.13 -7.43
N SER A 26 -5.69 0.94 -6.44
CA SER A 26 -5.66 1.74 -5.23
C SER A 26 -4.27 1.77 -4.62
N LEU A 27 -3.60 0.62 -4.65
CA LEU A 27 -2.25 0.51 -4.10
C LEU A 27 -1.24 1.24 -4.97
N ILE A 28 -1.49 1.25 -6.28
CA ILE A 28 -0.60 1.92 -7.22
C ILE A 28 -0.48 3.41 -6.91
N VAL A 29 -1.56 3.99 -6.38
CA VAL A 29 -1.58 5.40 -6.03
C VAL A 29 -0.91 5.63 -4.68
N HIS A 30 -0.63 4.55 -3.96
CA HIS A 30 0.01 4.64 -2.66
C HIS A 30 1.53 4.52 -2.79
N ILE A 31 1.96 3.74 -3.77
CA ILE A 31 3.39 3.53 -4.00
C ILE A 31 4.10 4.86 -4.22
N ARG A 32 3.35 5.88 -4.61
CA ARG A 32 3.92 7.20 -4.84
C ARG A 32 4.66 7.70 -3.62
N VAL A 33 4.28 7.21 -2.45
CA VAL A 33 4.91 7.61 -1.20
C VAL A 33 6.19 6.82 -0.96
N HIS A 34 6.27 5.63 -1.55
CA HIS A 34 7.45 4.78 -1.40
C HIS A 34 8.37 4.90 -2.61
N THR A 35 7.97 4.30 -3.72
CA THR A 35 8.76 4.35 -4.95
C THR A 35 8.18 5.36 -5.93
N GLY A 36 9.06 5.93 -6.76
CA GLY A 36 8.62 6.90 -7.74
C GLY A 36 7.46 6.42 -8.57
N SER A 37 6.26 6.90 -8.27
CA SER A 37 5.06 6.49 -9.00
C SER A 37 4.25 7.71 -9.41
N GLY A 38 4.92 8.84 -9.57
CA GLY A 38 4.26 10.06 -9.98
C GLY A 38 5.20 11.05 -10.65
N PRO A 39 6.05 11.70 -9.83
CA PRO A 39 7.01 12.69 -10.32
C PRO A 39 8.13 12.05 -11.16
N SER A 40 8.53 12.73 -12.22
CA SER A 40 9.58 12.22 -13.09
C SER A 40 10.87 11.96 -12.31
N SER A 41 11.08 12.75 -11.27
CA SER A 41 12.27 12.61 -10.43
C SER A 41 11.88 12.40 -8.96
N GLY A 42 12.73 11.67 -8.24
CA GLY A 42 12.46 11.41 -6.84
C GLY A 42 12.96 10.05 -6.39
ZN ZN B . 3.29 1.31 1.61
N GLY A 1 11.37 -4.98 17.96
CA GLY A 1 11.00 -6.28 17.46
C GLY A 1 9.54 -6.63 17.72
N SER A 2 8.73 -6.57 16.67
CA SER A 2 7.30 -6.87 16.80
C SER A 2 6.79 -7.58 15.54
N SER A 3 5.82 -8.46 15.73
CA SER A 3 5.23 -9.20 14.61
C SER A 3 3.72 -9.18 14.67
N GLY A 4 3.12 -8.22 13.97
CA GLY A 4 1.67 -8.09 13.96
C GLY A 4 1.12 -7.81 12.58
N SER A 5 1.71 -8.45 11.57
CA SER A 5 1.28 -8.26 10.20
C SER A 5 0.95 -9.59 9.54
N SER A 6 -0.19 -9.65 8.86
CA SER A 6 -0.62 -10.87 8.19
C SER A 6 -1.09 -10.58 6.77
N GLY A 7 -2.10 -9.71 6.66
CA GLY A 7 -2.62 -9.36 5.35
C GLY A 7 -3.46 -10.46 4.74
N GLY A 8 -4.29 -11.10 5.56
CA GLY A 8 -5.13 -12.18 5.08
C GLY A 8 -6.41 -11.68 4.44
N GLU A 9 -6.83 -10.48 4.82
CA GLU A 9 -8.04 -9.89 4.27
C GLU A 9 -7.98 -9.82 2.75
N LYS A 10 -7.14 -8.92 2.24
CA LYS A 10 -6.98 -8.77 0.80
C LYS A 10 -5.58 -9.15 0.35
N PRO A 11 -5.44 -9.53 -0.93
CA PRO A 11 -4.15 -9.94 -1.50
C PRO A 11 -3.20 -8.76 -1.64
N TYR A 12 -3.75 -7.55 -1.75
CA TYR A 12 -2.94 -6.35 -1.89
C TYR A 12 -2.50 -5.82 -0.53
N ARG A 13 -1.26 -6.10 -0.16
CA ARG A 13 -0.72 -5.66 1.12
C ARG A 13 0.70 -5.12 0.94
N CYS A 14 0.85 -3.82 1.13
CA CYS A 14 2.15 -3.16 1.00
C CYS A 14 3.10 -3.61 2.12
N ASP A 15 4.30 -4.02 1.73
CA ASP A 15 5.30 -4.46 2.70
C ASP A 15 6.19 -3.31 3.14
N GLN A 16 6.07 -2.18 2.44
CA GLN A 16 6.88 -1.01 2.75
C GLN A 16 6.36 -0.31 4.00
N CYS A 17 5.03 -0.30 4.17
CA CYS A 17 4.42 0.33 5.32
C CYS A 17 3.60 -0.69 6.12
N GLY A 18 3.02 -1.66 5.42
CA GLY A 18 2.22 -2.67 6.09
C GLY A 18 0.74 -2.36 6.06
N LYS A 19 0.23 -2.00 4.88
CA LYS A 19 -1.18 -1.68 4.73
C LYS A 19 -1.90 -2.74 3.89
N ALA A 20 -3.19 -2.54 3.67
CA ALA A 20 -3.98 -3.48 2.89
C ALA A 20 -4.98 -2.74 2.00
N PHE A 21 -5.13 -3.23 0.77
CA PHE A 21 -6.05 -2.61 -0.18
C PHE A 21 -6.97 -3.66 -0.81
N SER A 22 -8.16 -3.24 -1.22
CA SER A 22 -9.12 -4.14 -1.83
C SER A 22 -8.83 -4.31 -3.33
N GLN A 23 -8.26 -3.27 -3.93
CA GLN A 23 -7.94 -3.31 -5.35
C GLN A 23 -6.45 -3.04 -5.58
N LYS A 24 -5.97 -3.37 -6.78
CA LYS A 24 -4.57 -3.16 -7.12
C LYS A 24 -4.29 -1.69 -7.40
N GLY A 25 -5.08 -1.10 -8.31
CA GLY A 25 -4.90 0.29 -8.65
C GLY A 25 -4.78 1.18 -7.43
N SER A 26 -5.65 0.98 -6.46
CA SER A 26 -5.64 1.77 -5.23
C SER A 26 -4.26 1.78 -4.61
N LEU A 27 -3.58 0.64 -4.67
CA LEU A 27 -2.24 0.51 -4.10
C LEU A 27 -1.22 1.27 -4.94
N ILE A 28 -1.47 1.32 -6.25
CA ILE A 28 -0.57 2.01 -7.17
C ILE A 28 -0.47 3.50 -6.83
N VAL A 29 -1.57 4.06 -6.31
CA VAL A 29 -1.60 5.47 -5.94
C VAL A 29 -0.93 5.68 -4.58
N HIS A 30 -0.65 4.59 -3.88
CA HIS A 30 0.00 4.67 -2.58
C HIS A 30 1.51 4.55 -2.70
N ILE A 31 1.96 3.72 -3.64
CA ILE A 31 3.38 3.51 -3.86
C ILE A 31 4.08 4.83 -4.22
N ARG A 32 3.30 5.81 -4.66
CA ARG A 32 3.83 7.11 -5.02
C ARG A 32 4.61 7.72 -3.86
N VAL A 33 4.28 7.30 -2.64
CA VAL A 33 4.94 7.80 -1.46
C VAL A 33 6.20 6.99 -1.14
N HIS A 34 6.23 5.76 -1.61
CA HIS A 34 7.38 4.88 -1.38
C HIS A 34 8.40 5.00 -2.51
N THR A 35 8.07 4.42 -3.66
CA THR A 35 8.97 4.48 -4.82
C THR A 35 8.45 5.46 -5.86
N GLY A 36 9.38 6.04 -6.62
CA GLY A 36 9.01 7.00 -7.65
C GLY A 36 7.92 6.47 -8.57
N SER A 37 6.70 6.94 -8.35
CA SER A 37 5.56 6.51 -9.16
C SER A 37 5.06 7.64 -10.04
N GLY A 38 4.58 8.71 -9.40
CA GLY A 38 4.08 9.85 -10.14
C GLY A 38 5.08 11.00 -10.20
N PRO A 39 4.79 11.99 -11.05
CA PRO A 39 5.66 13.15 -11.21
C PRO A 39 5.63 14.08 -9.99
N SER A 40 4.57 13.97 -9.21
CA SER A 40 4.41 14.79 -8.01
C SER A 40 4.58 13.96 -6.76
N SER A 41 5.29 14.51 -5.78
CA SER A 41 5.54 13.81 -4.52
C SER A 41 6.24 12.48 -4.77
N GLY A 42 7.56 12.48 -4.66
CA GLY A 42 8.33 11.27 -4.87
C GLY A 42 9.55 11.18 -3.98
ZN ZN B . 3.27 1.27 1.66
N GLY A 1 11.90 -2.88 11.58
CA GLY A 1 10.58 -2.42 11.99
C GLY A 1 10.04 -3.21 13.16
N SER A 2 9.74 -2.52 14.25
CA SER A 2 9.20 -3.16 15.45
C SER A 2 7.70 -2.93 15.57
N SER A 3 6.92 -3.87 15.04
CA SER A 3 5.47 -3.77 15.08
C SER A 3 4.83 -5.16 15.06
N GLY A 4 3.67 -5.28 15.69
CA GLY A 4 2.97 -6.55 15.74
C GLY A 4 2.44 -6.98 14.38
N SER A 5 1.18 -7.39 14.34
CA SER A 5 0.57 -7.83 13.09
C SER A 5 -0.95 -7.64 13.14
N SER A 6 -1.51 -7.10 12.06
CA SER A 6 -2.95 -6.87 11.99
C SER A 6 -3.67 -8.12 11.54
N GLY A 7 -3.27 -8.66 10.39
CA GLY A 7 -3.91 -9.86 9.87
C GLY A 7 -3.80 -9.96 8.36
N GLY A 8 -4.47 -9.04 7.66
CA GLY A 8 -4.44 -9.05 6.21
C GLY A 8 -5.45 -10.03 5.61
N GLU A 9 -6.50 -9.49 5.00
CA GLU A 9 -7.53 -10.32 4.39
C GLU A 9 -7.45 -10.25 2.87
N LYS A 10 -7.07 -9.08 2.35
CA LYS A 10 -6.96 -8.89 0.91
C LYS A 10 -5.56 -9.24 0.42
N PRO A 11 -5.45 -9.57 -0.88
CA PRO A 11 -4.17 -9.92 -1.50
C PRO A 11 -3.23 -8.73 -1.61
N TYR A 12 -3.80 -7.54 -1.68
CA TYR A 12 -3.02 -6.31 -1.80
C TYR A 12 -2.57 -5.82 -0.43
N ARG A 13 -1.29 -6.03 -0.13
CA ARG A 13 -0.74 -5.61 1.17
C ARG A 13 0.68 -5.07 0.99
N CYS A 14 0.84 -3.77 1.12
CA CYS A 14 2.14 -3.13 0.98
C CYS A 14 3.10 -3.60 2.09
N ASP A 15 4.29 -4.00 1.69
CA ASP A 15 5.30 -4.47 2.64
C ASP A 15 6.21 -3.31 3.08
N GLN A 16 6.08 -2.18 2.39
CA GLN A 16 6.90 -1.01 2.71
C GLN A 16 6.38 -0.31 3.97
N CYS A 17 5.06 -0.29 4.13
CA CYS A 17 4.44 0.34 5.29
C CYS A 17 3.62 -0.67 6.09
N GLY A 18 3.03 -1.63 5.39
CA GLY A 18 2.23 -2.65 6.05
C GLY A 18 0.75 -2.34 5.97
N LYS A 19 0.31 -1.83 4.83
CA LYS A 19 -1.11 -1.50 4.64
C LYS A 19 -1.83 -2.60 3.88
N ALA A 20 -3.12 -2.41 3.64
CA ALA A 20 -3.93 -3.38 2.91
C ALA A 20 -4.97 -2.70 2.04
N PHE A 21 -5.14 -3.21 0.83
CA PHE A 21 -6.11 -2.64 -0.11
C PHE A 21 -6.96 -3.74 -0.74
N SER A 22 -8.07 -3.35 -1.34
CA SER A 22 -8.97 -4.30 -1.99
C SER A 22 -8.79 -4.28 -3.50
N GLN A 23 -8.24 -3.20 -4.02
CA GLN A 23 -8.00 -3.05 -5.46
C GLN A 23 -6.53 -2.77 -5.74
N LYS A 24 -6.00 -3.40 -6.78
CA LYS A 24 -4.61 -3.21 -7.16
C LYS A 24 -4.31 -1.74 -7.44
N GLY A 25 -5.07 -1.15 -8.35
CA GLY A 25 -4.87 0.25 -8.70
C GLY A 25 -4.77 1.13 -7.47
N SER A 26 -5.67 0.92 -6.51
CA SER A 26 -5.70 1.70 -5.29
C SER A 26 -4.31 1.73 -4.63
N LEU A 27 -3.64 0.59 -4.66
CA LEU A 27 -2.30 0.47 -4.08
C LEU A 27 -1.27 1.22 -4.92
N ILE A 28 -1.50 1.26 -6.23
CA ILE A 28 -0.59 1.95 -7.13
C ILE A 28 -0.50 3.43 -6.81
N VAL A 29 -1.60 3.99 -6.30
CA VAL A 29 -1.65 5.40 -5.95
C VAL A 29 -0.96 5.65 -4.60
N HIS A 30 -0.66 4.58 -3.90
CA HIS A 30 0.00 4.67 -2.60
C HIS A 30 1.52 4.55 -2.74
N ILE A 31 1.94 3.77 -3.74
CA ILE A 31 3.37 3.56 -3.98
C ILE A 31 4.08 4.89 -4.20
N ARG A 32 3.32 5.91 -4.57
CA ARG A 32 3.88 7.24 -4.81
C ARG A 32 4.65 7.73 -3.58
N VAL A 33 4.27 7.23 -2.41
CA VAL A 33 4.93 7.62 -1.17
C VAL A 33 6.21 6.83 -0.96
N HIS A 34 6.28 5.65 -1.56
CA HIS A 34 7.46 4.80 -1.43
C HIS A 34 8.36 4.93 -2.65
N THR A 35 7.95 4.35 -3.76
CA THR A 35 8.73 4.40 -4.99
C THR A 35 8.11 5.37 -5.99
N GLY A 36 8.94 5.96 -6.83
CA GLY A 36 8.46 6.90 -7.82
C GLY A 36 7.31 6.34 -8.64
N SER A 37 6.09 6.78 -8.33
CA SER A 37 4.91 6.31 -9.03
C SER A 37 4.13 7.49 -9.63
N GLY A 38 4.86 8.38 -10.29
CA GLY A 38 4.22 9.53 -10.90
C GLY A 38 5.17 10.31 -11.80
N PRO A 39 5.57 9.69 -12.91
CA PRO A 39 6.49 10.31 -13.88
C PRO A 39 5.85 11.47 -14.63
N SER A 40 6.67 12.27 -15.30
CA SER A 40 6.17 13.41 -16.05
C SER A 40 5.46 14.41 -15.15
N SER A 41 5.21 15.60 -15.67
CA SER A 41 4.53 16.65 -14.90
C SER A 41 5.36 17.04 -13.68
N GLY A 42 4.98 18.15 -13.05
CA GLY A 42 5.70 18.61 -11.87
C GLY A 42 5.42 17.76 -10.66
ZN ZN B . 3.31 1.29 1.61
N GLY A 1 10.45 -9.16 20.02
CA GLY A 1 9.49 -10.02 20.71
C GLY A 1 8.06 -9.57 20.51
N SER A 2 7.87 -8.25 20.40
CA SER A 2 6.54 -7.69 20.23
C SER A 2 6.25 -7.42 18.75
N SER A 3 6.38 -8.47 17.93
CA SER A 3 6.14 -8.35 16.50
C SER A 3 4.77 -7.73 16.23
N GLY A 4 3.79 -8.07 17.05
CA GLY A 4 2.45 -7.54 16.89
C GLY A 4 1.73 -8.15 15.71
N SER A 5 0.83 -9.08 15.98
CA SER A 5 0.07 -9.75 14.93
C SER A 5 -0.95 -8.80 14.31
N SER A 6 -1.13 -8.91 12.99
CA SER A 6 -2.07 -8.06 12.28
C SER A 6 -2.16 -8.46 10.81
N GLY A 7 -2.95 -7.71 10.05
CA GLY A 7 -3.09 -8.00 8.63
C GLY A 7 -4.55 -8.10 8.21
N GLY A 8 -4.87 -7.51 7.06
CA GLY A 8 -6.24 -7.55 6.58
C GLY A 8 -6.61 -8.90 5.99
N GLU A 9 -7.52 -8.90 5.03
CA GLU A 9 -7.97 -10.13 4.39
C GLU A 9 -7.94 -10.00 2.87
N LYS A 10 -7.11 -9.10 2.38
CA LYS A 10 -6.98 -8.88 0.94
C LYS A 10 -5.58 -9.23 0.46
N PRO A 11 -5.47 -9.56 -0.84
CA PRO A 11 -4.19 -9.92 -1.46
C PRO A 11 -3.24 -8.73 -1.57
N TYR A 12 -3.81 -7.54 -1.68
CA TYR A 12 -3.01 -6.32 -1.81
C TYR A 12 -2.57 -5.82 -0.43
N ARG A 13 -1.29 -6.04 -0.13
CA ARG A 13 -0.73 -5.63 1.15
C ARG A 13 0.69 -5.09 0.98
N CYS A 14 0.84 -3.78 1.13
CA CYS A 14 2.15 -3.14 0.99
C CYS A 14 3.10 -3.60 2.09
N ASP A 15 4.30 -4.00 1.70
CA ASP A 15 5.31 -4.47 2.65
C ASP A 15 6.21 -3.31 3.08
N GLN A 16 6.08 -2.18 2.39
CA GLN A 16 6.90 -1.01 2.71
C GLN A 16 6.38 -0.31 3.97
N CYS A 17 5.07 -0.29 4.13
CA CYS A 17 4.45 0.34 5.28
C CYS A 17 3.63 -0.66 6.09
N GLY A 18 3.04 -1.63 5.39
CA GLY A 18 2.24 -2.64 6.05
C GLY A 18 0.76 -2.34 5.99
N LYS A 19 0.30 -1.86 4.85
CA LYS A 19 -1.11 -1.53 4.65
C LYS A 19 -1.83 -2.63 3.87
N ALA A 20 -3.11 -2.43 3.64
CA ALA A 20 -3.92 -3.41 2.91
C ALA A 20 -4.96 -2.72 2.03
N PHE A 21 -5.14 -3.22 0.82
CA PHE A 21 -6.10 -2.66 -0.11
C PHE A 21 -6.96 -3.75 -0.75
N SER A 22 -8.07 -3.35 -1.36
CA SER A 22 -8.97 -4.29 -2.00
C SER A 22 -8.79 -4.28 -3.52
N GLN A 23 -8.23 -3.18 -4.03
CA GLN A 23 -8.00 -3.04 -5.47
C GLN A 23 -6.53 -2.76 -5.75
N LYS A 24 -6.01 -3.38 -6.80
CA LYS A 24 -4.61 -3.20 -7.19
C LYS A 24 -4.31 -1.73 -7.45
N GLY A 25 -5.06 -1.14 -8.38
CA GLY A 25 -4.86 0.26 -8.71
C GLY A 25 -4.77 1.14 -7.48
N SER A 26 -5.67 0.92 -6.53
CA SER A 26 -5.69 1.71 -5.29
C SER A 26 -4.31 1.73 -4.64
N LEU A 27 -3.64 0.59 -4.66
CA LEU A 27 -2.30 0.47 -4.08
C LEU A 27 -1.27 1.23 -4.91
N ILE A 28 -1.49 1.27 -6.22
CA ILE A 28 -0.58 1.96 -7.13
C ILE A 28 -0.49 3.44 -6.80
N VAL A 29 -1.60 3.99 -6.31
CA VAL A 29 -1.65 5.41 -5.94
C VAL A 29 -0.97 5.66 -4.61
N HIS A 30 -0.66 4.57 -3.89
CA HIS A 30 -0.01 4.67 -2.60
C HIS A 30 1.51 4.54 -2.73
N ILE A 31 1.94 3.77 -3.73
CA ILE A 31 3.36 3.57 -3.97
C ILE A 31 4.08 4.89 -4.20
N ARG A 32 3.31 5.91 -4.58
CA ARG A 32 3.88 7.23 -4.82
C ARG A 32 4.65 7.74 -3.61
N VAL A 33 4.27 7.24 -2.43
CA VAL A 33 4.93 7.64 -1.18
C VAL A 33 6.21 6.85 -0.97
N HIS A 34 6.28 5.66 -1.56
CA HIS A 34 7.45 4.80 -1.43
C HIS A 34 8.37 4.95 -2.63
N THR A 35 7.96 4.36 -3.76
CA THR A 35 8.75 4.42 -4.98
C THR A 35 8.10 5.35 -6.00
N GLY A 36 8.92 5.95 -6.86
CA GLY A 36 8.41 6.85 -7.88
C GLY A 36 7.27 6.24 -8.68
N SER A 37 6.05 6.65 -8.37
CA SER A 37 4.87 6.13 -9.08
C SER A 37 4.16 7.25 -9.83
N GLY A 38 4.81 7.76 -10.87
CA GLY A 38 4.22 8.82 -11.66
C GLY A 38 5.25 9.70 -12.32
N PRO A 39 4.82 10.56 -13.25
CA PRO A 39 5.70 11.47 -13.97
C PRO A 39 6.23 12.59 -13.07
N SER A 40 7.30 12.30 -12.34
CA SER A 40 7.90 13.27 -11.44
C SER A 40 8.23 14.57 -12.19
N SER A 41 8.57 14.45 -13.46
CA SER A 41 8.89 15.60 -14.28
C SER A 41 9.96 16.47 -13.60
N GLY A 42 11.00 15.82 -13.08
CA GLY A 42 12.06 16.53 -12.42
C GLY A 42 11.87 16.61 -10.92
ZN ZN B . 3.31 1.29 1.63
N GLY A 1 8.89 -2.43 18.34
CA GLY A 1 7.52 -2.03 18.60
C GLY A 1 6.55 -2.55 17.57
N SER A 2 6.57 -3.87 17.36
CA SER A 2 5.68 -4.50 16.39
C SER A 2 4.28 -4.69 16.97
N SER A 3 3.49 -3.62 16.96
CA SER A 3 2.13 -3.66 17.48
C SER A 3 1.18 -2.89 16.58
N GLY A 4 0.41 -3.64 15.77
CA GLY A 4 -0.53 -3.01 14.87
C GLY A 4 -1.16 -4.00 13.91
N SER A 5 -1.45 -5.20 14.39
CA SER A 5 -2.06 -6.24 13.58
C SER A 5 -3.56 -6.02 13.43
N SER A 6 -3.95 -5.32 12.37
CA SER A 6 -5.36 -5.04 12.11
C SER A 6 -5.63 -4.94 10.62
N GLY A 7 -6.86 -5.24 10.22
CA GLY A 7 -7.23 -5.16 8.82
C GLY A 7 -6.28 -5.94 7.93
N GLY A 8 -6.54 -7.24 7.79
CA GLY A 8 -5.69 -8.07 6.95
C GLY A 8 -6.42 -9.27 6.40
N GLU A 9 -6.52 -9.34 5.07
CA GLU A 9 -7.21 -10.44 4.41
C GLU A 9 -7.07 -10.34 2.89
N LYS A 10 -7.09 -9.12 2.38
CA LYS A 10 -6.97 -8.89 0.95
C LYS A 10 -5.57 -9.23 0.46
N PRO A 11 -5.46 -9.56 -0.83
CA PRO A 11 -4.19 -9.92 -1.46
C PRO A 11 -3.24 -8.72 -1.57
N TYR A 12 -3.81 -7.53 -1.66
CA TYR A 12 -3.02 -6.31 -1.77
C TYR A 12 -2.57 -5.82 -0.40
N ARG A 13 -1.29 -6.02 -0.09
CA ARG A 13 -0.73 -5.61 1.18
C ARG A 13 0.68 -5.08 1.01
N CYS A 14 0.84 -3.77 1.11
CA CYS A 14 2.16 -3.14 0.96
C CYS A 14 3.10 -3.60 2.07
N ASP A 15 4.29 -4.04 1.68
CA ASP A 15 5.29 -4.51 2.63
C ASP A 15 6.20 -3.36 3.06
N GLN A 16 6.08 -2.23 2.38
CA GLN A 16 6.89 -1.06 2.70
C GLN A 16 6.38 -0.36 3.96
N CYS A 17 5.07 -0.32 4.12
CA CYS A 17 4.45 0.31 5.27
C CYS A 17 3.62 -0.69 6.07
N GLY A 18 3.04 -1.66 5.38
CA GLY A 18 2.23 -2.66 6.03
C GLY A 18 0.74 -2.36 5.97
N LYS A 19 0.30 -1.83 4.83
CA LYS A 19 -1.11 -1.49 4.64
C LYS A 19 -1.84 -2.60 3.89
N ALA A 20 -3.13 -2.39 3.65
CA ALA A 20 -3.95 -3.37 2.94
C ALA A 20 -4.97 -2.68 2.05
N PHE A 21 -5.15 -3.21 0.84
CA PHE A 21 -6.11 -2.65 -0.10
C PHE A 21 -6.97 -3.74 -0.73
N SER A 22 -8.07 -3.34 -1.35
CA SER A 22 -8.98 -4.29 -1.99
C SER A 22 -8.79 -4.29 -3.51
N GLN A 23 -8.23 -3.20 -4.02
CA GLN A 23 -7.98 -3.07 -5.45
C GLN A 23 -6.51 -2.78 -5.74
N LYS A 24 -5.99 -3.39 -6.81
CA LYS A 24 -4.60 -3.20 -7.19
C LYS A 24 -4.30 -1.73 -7.45
N GLY A 25 -5.05 -1.14 -8.38
CA GLY A 25 -4.86 0.26 -8.71
C GLY A 25 -4.76 1.14 -7.47
N SER A 26 -5.66 0.92 -6.52
CA SER A 26 -5.68 1.70 -5.29
C SER A 26 -4.30 1.73 -4.64
N LEU A 27 -3.62 0.59 -4.68
CA LEU A 27 -2.29 0.46 -4.09
C LEU A 27 -1.26 1.23 -4.93
N ILE A 28 -1.48 1.26 -6.24
CA ILE A 28 -0.58 1.95 -7.14
C ILE A 28 -0.50 3.43 -6.81
N VAL A 29 -1.59 3.98 -6.31
CA VAL A 29 -1.65 5.40 -5.95
C VAL A 29 -0.96 5.65 -4.61
N HIS A 30 -0.66 4.57 -3.90
CA HIS A 30 0.00 4.67 -2.60
C HIS A 30 1.52 4.55 -2.74
N ILE A 31 1.95 3.79 -3.74
CA ILE A 31 3.37 3.59 -3.98
C ILE A 31 4.09 4.91 -4.20
N ARG A 32 3.31 5.94 -4.58
CA ARG A 32 3.87 7.26 -4.82
C ARG A 32 4.63 7.76 -3.60
N VAL A 33 4.25 7.26 -2.42
CA VAL A 33 4.91 7.65 -1.18
C VAL A 33 6.20 6.87 -0.96
N HIS A 34 6.27 5.69 -1.56
CA HIS A 34 7.45 4.84 -1.42
C HIS A 34 8.37 5.00 -2.63
N THR A 35 7.97 4.43 -3.76
CA THR A 35 8.75 4.51 -4.98
C THR A 35 8.10 5.44 -6.00
N GLY A 36 8.92 6.06 -6.84
CA GLY A 36 8.41 6.96 -7.85
C GLY A 36 7.29 6.34 -8.67
N SER A 37 6.05 6.74 -8.37
CA SER A 37 4.90 6.21 -9.07
C SER A 37 4.14 7.33 -9.78
N GLY A 38 3.59 7.02 -10.95
CA GLY A 38 2.85 8.02 -11.71
C GLY A 38 2.60 7.58 -13.14
N PRO A 39 2.01 8.47 -13.95
CA PRO A 39 1.69 8.20 -15.35
C PRO A 39 2.95 8.10 -16.21
N SER A 40 2.89 7.25 -17.23
CA SER A 40 4.03 7.06 -18.13
C SER A 40 5.23 6.50 -17.38
N SER A 41 6.35 6.33 -18.08
CA SER A 41 7.56 5.80 -17.49
C SER A 41 8.59 6.91 -17.27
N GLY A 42 8.20 7.93 -16.51
CA GLY A 42 9.09 9.04 -16.23
C GLY A 42 8.46 10.08 -15.32
ZN ZN B . 3.34 1.29 1.60
N GLY A 1 5.03 5.02 22.00
CA GLY A 1 4.69 3.64 21.68
C GLY A 1 3.28 3.28 22.12
N SER A 2 2.35 3.32 21.17
CA SER A 2 0.96 3.01 21.46
C SER A 2 0.14 2.93 20.16
N SER A 3 0.02 1.72 19.63
CA SER A 3 -0.73 1.50 18.39
C SER A 3 -1.80 0.44 18.58
N GLY A 4 -2.70 0.33 17.61
CA GLY A 4 -3.76 -0.66 17.69
C GLY A 4 -4.50 -0.82 16.37
N SER A 5 -3.88 -1.55 15.44
CA SER A 5 -4.47 -1.78 14.13
C SER A 5 -4.73 -3.27 13.91
N SER A 6 -5.67 -3.57 13.02
CA SER A 6 -6.02 -4.95 12.72
C SER A 6 -6.59 -5.08 11.30
N GLY A 7 -6.50 -6.28 10.74
CA GLY A 7 -7.01 -6.51 9.40
C GLY A 7 -5.90 -6.79 8.41
N GLY A 8 -6.28 -7.20 7.21
CA GLY A 8 -5.30 -7.51 6.17
C GLY A 8 -5.50 -8.87 5.56
N GLU A 9 -6.69 -9.09 5.01
CA GLU A 9 -7.01 -10.38 4.39
C GLU A 9 -6.86 -10.31 2.87
N LYS A 10 -7.06 -9.11 2.32
CA LYS A 10 -6.95 -8.90 0.88
C LYS A 10 -5.55 -9.24 0.39
N PRO A 11 -5.44 -9.57 -0.91
CA PRO A 11 -4.16 -9.91 -1.52
C PRO A 11 -3.22 -8.72 -1.64
N TYR A 12 -3.80 -7.53 -1.68
CA TYR A 12 -3.02 -6.29 -1.80
C TYR A 12 -2.57 -5.81 -0.43
N ARG A 13 -1.30 -6.03 -0.11
CA ARG A 13 -0.74 -5.61 1.17
C ARG A 13 0.68 -5.09 1.00
N CYS A 14 0.84 -3.78 1.12
CA CYS A 14 2.15 -3.15 0.98
C CYS A 14 3.09 -3.59 2.10
N ASP A 15 4.28 -4.05 1.73
CA ASP A 15 5.26 -4.50 2.71
C ASP A 15 6.16 -3.35 3.14
N GLN A 16 6.08 -2.24 2.41
CA GLN A 16 6.89 -1.07 2.73
C GLN A 16 6.38 -0.37 3.99
N CYS A 17 5.07 -0.34 4.15
CA CYS A 17 4.45 0.29 5.31
C CYS A 17 3.62 -0.71 6.11
N GLY A 18 3.03 -1.68 5.40
CA GLY A 18 2.22 -2.68 6.05
C GLY A 18 0.74 -2.38 5.98
N LYS A 19 0.30 -1.85 4.84
CA LYS A 19 -1.10 -1.51 4.65
C LYS A 19 -1.83 -2.61 3.88
N ALA A 20 -3.12 -2.41 3.64
CA ALA A 20 -3.93 -3.39 2.93
C ALA A 20 -4.98 -2.70 2.06
N PHE A 21 -5.15 -3.20 0.83
CA PHE A 21 -6.12 -2.64 -0.09
C PHE A 21 -6.96 -3.74 -0.74
N SER A 22 -8.08 -3.34 -1.34
CA SER A 22 -8.97 -4.29 -1.98
C SER A 22 -8.79 -4.27 -3.50
N GLN A 23 -8.24 -3.17 -4.02
CA GLN A 23 -8.00 -3.03 -5.44
C GLN A 23 -6.54 -2.75 -5.73
N LYS A 24 -6.01 -3.38 -6.77
CA LYS A 24 -4.62 -3.20 -7.16
C LYS A 24 -4.31 -1.73 -7.42
N GLY A 25 -5.06 -1.14 -8.35
CA GLY A 25 -4.85 0.27 -8.68
C GLY A 25 -4.76 1.15 -7.45
N SER A 26 -5.67 0.94 -6.51
CA SER A 26 -5.69 1.74 -5.28
C SER A 26 -4.31 1.73 -4.62
N LEU A 27 -3.63 0.60 -4.67
CA LEU A 27 -2.31 0.45 -4.07
C LEU A 27 -1.26 1.19 -4.91
N ILE A 28 -1.49 1.26 -6.22
CA ILE A 28 -0.57 1.93 -7.12
C ILE A 28 -0.48 3.42 -6.80
N VAL A 29 -1.57 3.97 -6.29
CA VAL A 29 -1.61 5.39 -5.93
C VAL A 29 -0.94 5.63 -4.58
N HIS A 30 -0.65 4.56 -3.87
CA HIS A 30 -0.01 4.65 -2.56
C HIS A 30 1.50 4.54 -2.69
N ILE A 31 1.96 3.75 -3.65
CA ILE A 31 3.39 3.56 -3.87
C ILE A 31 4.08 4.89 -4.20
N ARG A 32 3.29 5.87 -4.61
CA ARG A 32 3.82 7.19 -4.94
C ARG A 32 4.61 7.77 -3.77
N VAL A 33 4.28 7.32 -2.56
CA VAL A 33 4.95 7.79 -1.37
C VAL A 33 6.22 6.98 -1.09
N HIS A 34 6.26 5.75 -1.59
CA HIS A 34 7.40 4.88 -1.41
C HIS A 34 8.39 5.02 -2.56
N THR A 35 8.04 4.44 -3.71
CA THR A 35 8.89 4.51 -4.89
C THR A 35 8.37 5.53 -5.90
N GLY A 36 9.27 6.10 -6.67
CA GLY A 36 8.89 7.10 -7.66
C GLY A 36 7.78 6.60 -8.57
N SER A 37 6.56 7.07 -8.31
CA SER A 37 5.40 6.66 -9.10
C SER A 37 4.83 7.85 -9.88
N GLY A 38 5.15 7.90 -11.18
CA GLY A 38 4.66 8.99 -12.01
C GLY A 38 5.16 10.34 -11.55
N PRO A 39 5.00 11.36 -12.41
CA PRO A 39 5.44 12.72 -12.11
C PRO A 39 4.60 13.38 -11.03
N SER A 40 5.03 14.55 -10.59
CA SER A 40 4.32 15.29 -9.54
C SER A 40 4.58 16.79 -9.65
N SER A 41 3.62 17.59 -9.21
CA SER A 41 3.74 19.04 -9.26
C SER A 41 4.72 19.54 -8.21
N GLY A 42 4.54 19.09 -6.97
CA GLY A 42 5.42 19.50 -5.90
C GLY A 42 4.72 19.48 -4.55
ZN ZN B . 3.32 1.27 1.65
N GLY A 1 -7.97 9.70 16.86
CA GLY A 1 -8.92 8.60 16.99
C GLY A 1 -9.66 8.34 15.69
N SER A 2 -10.42 7.24 15.66
CA SER A 2 -11.18 6.88 14.47
C SER A 2 -12.20 5.79 14.80
N SER A 3 -12.95 5.38 13.78
CA SER A 3 -13.97 4.35 13.97
C SER A 3 -13.92 3.33 12.83
N GLY A 4 -13.15 2.26 13.04
CA GLY A 4 -13.02 1.23 12.03
C GLY A 4 -12.82 -0.15 12.63
N SER A 5 -13.07 -1.18 11.83
CA SER A 5 -12.91 -2.56 12.30
C SER A 5 -11.44 -2.89 12.53
N SER A 6 -10.57 -2.19 11.83
CA SER A 6 -9.13 -2.41 11.96
C SER A 6 -8.75 -3.82 11.52
N GLY A 7 -8.40 -3.96 10.25
CA GLY A 7 -8.03 -5.27 9.73
C GLY A 7 -8.04 -5.31 8.21
N GLY A 8 -8.31 -6.49 7.66
CA GLY A 8 -8.34 -6.63 6.21
C GLY A 8 -7.73 -7.95 5.75
N GLU A 9 -8.44 -8.64 4.85
CA GLU A 9 -7.96 -9.92 4.34
C GLU A 9 -7.88 -9.89 2.82
N LYS A 10 -7.18 -8.89 2.28
CA LYS A 10 -7.03 -8.76 0.84
C LYS A 10 -5.62 -9.15 0.40
N PRO A 11 -5.48 -9.53 -0.87
CA PRO A 11 -4.18 -9.93 -1.44
C PRO A 11 -3.22 -8.76 -1.58
N TYR A 12 -3.77 -7.56 -1.72
CA TYR A 12 -2.96 -6.35 -1.87
C TYR A 12 -2.51 -5.83 -0.50
N ARG A 13 -1.26 -6.10 -0.16
CA ARG A 13 -0.71 -5.66 1.12
C ARG A 13 0.71 -5.12 0.93
N CYS A 14 0.86 -3.81 1.11
CA CYS A 14 2.16 -3.16 0.97
C CYS A 14 3.10 -3.58 2.09
N ASP A 15 4.28 -4.07 1.71
CA ASP A 15 5.27 -4.50 2.69
C ASP A 15 6.17 -3.34 3.10
N GLN A 16 6.07 -2.24 2.38
CA GLN A 16 6.87 -1.06 2.66
C GLN A 16 6.38 -0.37 3.94
N CYS A 17 5.06 -0.32 4.11
CA CYS A 17 4.47 0.32 5.27
C CYS A 17 3.66 -0.69 6.09
N GLY A 18 3.05 -1.65 5.40
CA GLY A 18 2.27 -2.67 6.08
C GLY A 18 0.78 -2.35 6.06
N LYS A 19 0.27 -2.00 4.88
CA LYS A 19 -1.14 -1.67 4.73
C LYS A 19 -1.87 -2.74 3.90
N ALA A 20 -3.15 -2.53 3.68
CA ALA A 20 -3.96 -3.46 2.90
C ALA A 20 -4.95 -2.73 2.00
N PHE A 21 -5.12 -3.23 0.79
CA PHE A 21 -6.04 -2.62 -0.17
C PHE A 21 -6.95 -3.66 -0.81
N SER A 22 -8.12 -3.23 -1.23
CA SER A 22 -9.09 -4.14 -1.86
C SER A 22 -8.84 -4.26 -3.36
N GLN A 23 -8.26 -3.21 -3.93
CA GLN A 23 -7.96 -3.19 -5.36
C GLN A 23 -6.48 -2.94 -5.61
N LYS A 24 -6.01 -3.35 -6.78
CA LYS A 24 -4.60 -3.17 -7.15
C LYS A 24 -4.30 -1.70 -7.42
N GLY A 25 -5.07 -1.11 -8.33
CA GLY A 25 -4.87 0.29 -8.67
C GLY A 25 -4.76 1.17 -7.44
N SER A 26 -5.65 0.97 -6.49
CA SER A 26 -5.65 1.77 -5.26
C SER A 26 -4.27 1.76 -4.61
N LEU A 27 -3.58 0.63 -4.70
CA LEU A 27 -2.25 0.49 -4.13
C LEU A 27 -1.22 1.23 -4.98
N ILE A 28 -1.46 1.27 -6.28
CA ILE A 28 -0.54 1.95 -7.21
C ILE A 28 -0.45 3.44 -6.90
N VAL A 29 -1.52 3.99 -6.32
CA VAL A 29 -1.56 5.40 -5.98
C VAL A 29 -0.92 5.65 -4.62
N HIS A 30 -0.64 4.57 -3.89
CA HIS A 30 -0.02 4.67 -2.58
C HIS A 30 1.50 4.55 -2.68
N ILE A 31 1.96 3.68 -3.59
CA ILE A 31 3.38 3.47 -3.78
C ILE A 31 4.09 4.77 -4.15
N ARG A 32 3.32 5.73 -4.64
CA ARG A 32 3.86 7.03 -5.02
C ARG A 32 4.55 7.71 -3.86
N VAL A 33 4.20 7.29 -2.64
CA VAL A 33 4.78 7.85 -1.43
C VAL A 33 5.92 6.97 -0.90
N HIS A 34 6.29 5.97 -1.69
CA HIS A 34 7.36 5.05 -1.30
C HIS A 34 8.55 5.18 -2.24
N THR A 35 8.41 4.63 -3.44
CA THR A 35 9.47 4.68 -4.43
C THR A 35 9.03 5.44 -5.68
N GLY A 36 9.28 6.75 -5.68
CA GLY A 36 8.91 7.57 -6.82
C GLY A 36 7.45 7.38 -7.22
N SER A 37 7.24 6.70 -8.33
CA SER A 37 5.89 6.44 -8.83
C SER A 37 5.09 7.75 -8.91
N GLY A 38 5.18 8.43 -10.05
CA GLY A 38 4.47 9.68 -10.23
C GLY A 38 5.29 10.88 -9.81
N PRO A 39 6.26 11.27 -10.65
CA PRO A 39 7.14 12.41 -10.37
C PRO A 39 6.40 13.74 -10.48
N SER A 40 6.48 14.54 -9.42
CA SER A 40 5.82 15.83 -9.38
C SER A 40 6.83 16.95 -9.10
N SER A 41 6.42 18.19 -9.37
CA SER A 41 7.27 19.34 -9.14
C SER A 41 6.69 20.26 -8.08
N GLY A 42 6.06 19.67 -7.06
CA GLY A 42 5.45 20.45 -6.00
C GLY A 42 4.27 19.75 -5.37
ZN ZN B . 3.27 1.28 1.61
N GLY A 1 -8.18 4.50 17.87
CA GLY A 1 -7.47 5.08 19.00
C GLY A 1 -6.01 4.68 19.03
N SER A 2 -5.75 3.42 19.35
CA SER A 2 -4.39 2.91 19.41
C SER A 2 -4.01 2.20 18.12
N SER A 3 -5.01 1.65 17.44
CA SER A 3 -4.77 0.92 16.20
C SER A 3 -3.92 -0.31 16.43
N GLY A 4 -3.60 -1.02 15.35
CA GLY A 4 -2.79 -2.21 15.46
C GLY A 4 -3.60 -3.48 15.36
N SER A 5 -4.47 -3.55 14.36
CA SER A 5 -5.32 -4.72 14.15
C SER A 5 -4.62 -5.75 13.28
N SER A 6 -4.94 -7.02 13.50
CA SER A 6 -4.34 -8.11 12.73
C SER A 6 -5.32 -8.65 11.70
N GLY A 7 -5.52 -7.88 10.63
CA GLY A 7 -6.44 -8.30 9.58
C GLY A 7 -5.71 -8.85 8.37
N GLY A 8 -5.49 -8.00 7.37
CA GLY A 8 -4.81 -8.42 6.16
C GLY A 8 -5.47 -9.61 5.51
N GLU A 9 -6.66 -9.41 4.97
CA GLU A 9 -7.40 -10.49 4.32
C GLU A 9 -7.30 -10.37 2.79
N LYS A 10 -7.09 -9.16 2.31
CA LYS A 10 -6.96 -8.91 0.88
C LYS A 10 -5.56 -9.26 0.39
N PRO A 11 -5.45 -9.57 -0.92
CA PRO A 11 -4.17 -9.93 -1.54
C PRO A 11 -3.22 -8.74 -1.64
N TYR A 12 -3.79 -7.54 -1.70
CA TYR A 12 -3.00 -6.32 -1.79
C TYR A 12 -2.55 -5.85 -0.41
N ARG A 13 -1.26 -6.04 -0.12
CA ARG A 13 -0.71 -5.64 1.17
C ARG A 13 0.71 -5.09 1.00
N CYS A 14 0.86 -3.79 1.13
CA CYS A 14 2.16 -3.14 0.99
C CYS A 14 3.11 -3.59 2.10
N ASP A 15 4.31 -4.01 1.71
CA ASP A 15 5.31 -4.47 2.66
C ASP A 15 6.21 -3.31 3.09
N GLN A 16 6.08 -2.18 2.42
CA GLN A 16 6.89 -1.01 2.74
C GLN A 16 6.37 -0.31 4.00
N CYS A 17 5.05 -0.30 4.15
CA CYS A 17 4.43 0.33 5.32
C CYS A 17 3.61 -0.69 6.11
N GLY A 18 3.02 -1.64 5.41
CA GLY A 18 2.22 -2.66 6.06
C GLY A 18 0.74 -2.36 6.00
N LYS A 19 0.28 -1.86 4.85
CA LYS A 19 -1.12 -1.52 4.67
C LYS A 19 -1.84 -2.62 3.88
N ALA A 20 -3.14 -2.42 3.65
CA ALA A 20 -3.93 -3.39 2.91
C ALA A 20 -4.98 -2.69 2.04
N PHE A 21 -5.16 -3.21 0.83
CA PHE A 21 -6.13 -2.64 -0.09
C PHE A 21 -6.99 -3.73 -0.73
N SER A 22 -8.11 -3.33 -1.33
CA SER A 22 -9.02 -4.27 -1.97
C SER A 22 -8.81 -4.27 -3.48
N GLN A 23 -8.26 -3.19 -4.00
CA GLN A 23 -8.02 -3.07 -5.44
C GLN A 23 -6.54 -2.80 -5.71
N LYS A 24 -6.03 -3.35 -6.80
CA LYS A 24 -4.63 -3.17 -7.19
C LYS A 24 -4.34 -1.69 -7.44
N GLY A 25 -5.07 -1.09 -8.37
CA GLY A 25 -4.87 0.31 -8.69
C GLY A 25 -4.77 1.18 -7.46
N SER A 26 -5.66 0.94 -6.49
CA SER A 26 -5.67 1.73 -5.25
C SER A 26 -4.29 1.74 -4.61
N LEU A 27 -3.60 0.59 -4.66
CA LEU A 27 -2.27 0.49 -4.09
C LEU A 27 -1.25 1.23 -4.93
N ILE A 28 -1.47 1.26 -6.23
CA ILE A 28 -0.57 1.94 -7.16
C ILE A 28 -0.49 3.43 -6.84
N VAL A 29 -1.57 3.98 -6.30
CA VAL A 29 -1.62 5.39 -5.95
C VAL A 29 -0.96 5.64 -4.59
N HIS A 30 -0.65 4.57 -3.88
CA HIS A 30 -0.01 4.67 -2.58
C HIS A 30 1.51 4.54 -2.71
N ILE A 31 1.95 3.73 -3.66
CA ILE A 31 3.38 3.53 -3.89
C ILE A 31 4.08 4.85 -4.18
N ARG A 32 3.31 5.84 -4.61
CA ARG A 32 3.86 7.15 -4.92
C ARG A 32 4.64 7.72 -3.74
N VAL A 33 4.28 7.27 -2.54
CA VAL A 33 4.95 7.73 -1.33
C VAL A 33 6.22 6.94 -1.07
N HIS A 34 6.26 5.71 -1.57
CA HIS A 34 7.42 4.84 -1.39
C HIS A 34 8.39 4.98 -2.57
N THR A 35 8.02 4.40 -3.70
CA THR A 35 8.85 4.45 -4.89
C THR A 35 8.30 5.42 -5.92
N GLY A 36 9.17 6.02 -6.72
CA GLY A 36 8.74 6.95 -7.74
C GLY A 36 7.63 6.40 -8.61
N SER A 37 6.40 6.84 -8.35
CA SER A 37 5.24 6.38 -9.12
C SER A 37 4.61 7.53 -9.89
N GLY A 38 4.79 8.75 -9.38
CA GLY A 38 4.24 9.91 -10.03
C GLY A 38 4.89 11.21 -9.59
N PRO A 39 4.66 12.29 -10.34
CA PRO A 39 5.21 13.61 -10.02
C PRO A 39 4.60 14.22 -8.77
N SER A 40 4.93 15.49 -8.52
CA SER A 40 4.41 16.18 -7.36
C SER A 40 3.20 17.04 -7.72
N SER A 41 2.02 16.44 -7.69
CA SER A 41 0.79 17.14 -8.01
C SER A 41 0.21 17.83 -6.79
N GLY A 42 -0.16 17.06 -5.78
CA GLY A 42 -0.72 17.61 -4.57
C GLY A 42 -1.46 16.58 -3.74
ZN ZN B . 3.31 1.29 1.64
N GLY A 1 0.72 -2.44 18.19
CA GLY A 1 -0.29 -2.31 19.23
C GLY A 1 -0.30 -3.48 20.19
N SER A 2 -1.49 -3.99 20.49
CA SER A 2 -1.63 -5.11 21.40
C SER A 2 -2.30 -6.31 20.70
N SER A 3 -1.48 -7.22 20.20
CA SER A 3 -1.98 -8.39 19.50
C SER A 3 -2.94 -8.00 18.39
N GLY A 4 -3.62 -8.99 17.82
CA GLY A 4 -4.57 -8.73 16.75
C GLY A 4 -4.64 -9.86 15.74
N SER A 5 -5.84 -10.14 15.26
CA SER A 5 -6.04 -11.22 14.29
C SER A 5 -7.17 -10.88 13.33
N SER A 6 -7.40 -11.76 12.37
CA SER A 6 -8.46 -11.55 11.38
C SER A 6 -8.68 -12.81 10.54
N GLY A 7 -9.90 -12.98 10.04
CA GLY A 7 -10.21 -14.14 9.23
C GLY A 7 -10.42 -13.79 7.77
N GLY A 8 -9.73 -12.75 7.31
CA GLY A 8 -9.86 -12.34 5.93
C GLY A 8 -9.02 -11.11 5.61
N GLU A 9 -8.10 -11.26 4.66
CA GLU A 9 -7.22 -10.17 4.28
C GLU A 9 -7.05 -10.13 2.75
N LYS A 10 -7.09 -8.92 2.19
CA LYS A 10 -6.92 -8.75 0.76
C LYS A 10 -5.52 -9.13 0.31
N PRO A 11 -5.38 -9.51 -0.98
CA PRO A 11 -4.10 -9.91 -1.55
C PRO A 11 -3.14 -8.73 -1.69
N TYR A 12 -3.69 -7.53 -1.78
CA TYR A 12 -2.89 -6.32 -1.93
C TYR A 12 -2.46 -5.79 -0.57
N ARG A 13 -1.22 -6.10 -0.19
CA ARG A 13 -0.68 -5.64 1.09
C ARG A 13 0.73 -5.09 0.93
N CYS A 14 0.87 -3.78 1.12
CA CYS A 14 2.16 -3.13 0.99
C CYS A 14 3.11 -3.55 2.11
N ASP A 15 4.30 -4.00 1.75
CA ASP A 15 5.29 -4.44 2.73
C ASP A 15 6.16 -3.26 3.17
N GLN A 16 6.08 -2.16 2.45
CA GLN A 16 6.87 -0.97 2.76
C GLN A 16 6.35 -0.29 4.02
N CYS A 17 5.02 -0.26 4.17
CA CYS A 17 4.40 0.35 5.34
C CYS A 17 3.59 -0.67 6.14
N GLY A 18 3.03 -1.65 5.43
CA GLY A 18 2.24 -2.68 6.09
C GLY A 18 0.75 -2.36 6.08
N LYS A 19 0.23 -2.05 4.90
CA LYS A 19 -1.19 -1.73 4.75
C LYS A 19 -1.90 -2.77 3.91
N ALA A 20 -3.19 -2.58 3.69
CA ALA A 20 -3.99 -3.50 2.89
C ALA A 20 -4.98 -2.76 2.00
N PHE A 21 -5.11 -3.23 0.76
CA PHE A 21 -6.03 -2.61 -0.19
C PHE A 21 -6.95 -3.65 -0.82
N SER A 22 -8.15 -3.21 -1.20
CA SER A 22 -9.12 -4.10 -1.81
C SER A 22 -8.85 -4.26 -3.31
N GLN A 23 -8.27 -3.23 -3.91
CA GLN A 23 -7.96 -3.24 -5.34
C GLN A 23 -6.48 -2.98 -5.57
N LYS A 24 -6.00 -3.32 -6.77
CA LYS A 24 -4.61 -3.12 -7.12
C LYS A 24 -4.32 -1.65 -7.40
N GLY A 25 -5.10 -1.06 -8.29
CA GLY A 25 -4.91 0.34 -8.63
C GLY A 25 -4.79 1.22 -7.41
N SER A 26 -5.67 1.01 -6.44
CA SER A 26 -5.66 1.80 -5.20
C SER A 26 -4.28 1.80 -4.58
N LEU A 27 -3.59 0.66 -4.66
CA LEU A 27 -2.24 0.54 -4.11
C LEU A 27 -1.23 1.28 -4.96
N ILE A 28 -1.48 1.33 -6.26
CA ILE A 28 -0.58 2.01 -7.19
C ILE A 28 -0.48 3.50 -6.87
N VAL A 29 -1.55 4.05 -6.30
CA VAL A 29 -1.58 5.46 -5.94
C VAL A 29 -0.92 5.69 -4.58
N HIS A 30 -0.65 4.61 -3.87
CA HIS A 30 -0.02 4.69 -2.55
C HIS A 30 1.49 4.52 -2.66
N ILE A 31 1.92 3.60 -3.52
CA ILE A 31 3.34 3.33 -3.72
C ILE A 31 4.07 4.60 -4.16
N ARG A 32 3.32 5.56 -4.69
CA ARG A 32 3.90 6.81 -5.15
C ARG A 32 4.61 7.54 -4.00
N VAL A 33 4.23 7.19 -2.78
CA VAL A 33 4.84 7.81 -1.60
C VAL A 33 5.95 6.94 -1.03
N HIS A 34 6.28 5.87 -1.75
CA HIS A 34 7.33 4.96 -1.32
C HIS A 34 8.54 5.03 -2.26
N THR A 35 8.40 4.44 -3.44
CA THR A 35 9.47 4.43 -4.42
C THR A 35 9.05 5.13 -5.71
N GLY A 36 9.30 6.43 -5.78
CA GLY A 36 8.93 7.19 -6.96
C GLY A 36 7.48 7.00 -7.35
N SER A 37 7.25 6.26 -8.44
CA SER A 37 5.90 6.01 -8.92
C SER A 37 5.12 7.31 -9.06
N GLY A 38 5.23 7.93 -10.23
CA GLY A 38 4.53 9.18 -10.48
C GLY A 38 5.36 10.39 -10.12
N PRO A 39 4.85 11.58 -10.45
CA PRO A 39 5.54 12.84 -10.16
C PRO A 39 5.57 13.17 -8.67
N SER A 40 6.71 13.65 -8.19
CA SER A 40 6.87 14.00 -6.79
C SER A 40 6.76 15.50 -6.58
N SER A 41 5.54 15.97 -6.32
CA SER A 41 5.30 17.39 -6.10
C SER A 41 4.78 17.64 -4.69
N GLY A 42 3.68 17.00 -4.33
CA GLY A 42 3.11 17.17 -3.02
C GLY A 42 3.62 16.14 -2.03
ZN ZN B . 3.22 1.32 1.68
N GLY A 1 -5.01 -14.06 14.03
CA GLY A 1 -5.91 -14.49 15.08
C GLY A 1 -7.02 -13.50 15.36
N SER A 2 -7.50 -12.85 14.30
CA SER A 2 -8.57 -11.86 14.43
C SER A 2 -9.93 -12.52 14.31
N SER A 3 -10.08 -13.40 13.33
CA SER A 3 -11.34 -14.10 13.11
C SER A 3 -11.12 -15.61 13.08
N GLY A 4 -10.10 -16.04 12.34
CA GLY A 4 -9.80 -17.45 12.23
C GLY A 4 -9.31 -17.85 10.86
N SER A 5 -8.15 -17.34 10.47
CA SER A 5 -7.57 -17.64 9.17
C SER A 5 -6.05 -17.73 9.25
N SER A 6 -5.43 -18.06 8.13
CA SER A 6 -3.97 -18.18 8.06
C SER A 6 -3.37 -17.13 7.13
N GLY A 7 -4.12 -16.79 6.09
CA GLY A 7 -3.66 -15.79 5.13
C GLY A 7 -4.00 -14.38 5.56
N GLY A 8 -4.51 -13.59 4.62
CA GLY A 8 -4.86 -12.21 4.92
C GLY A 8 -6.19 -11.81 4.32
N GLU A 9 -6.76 -10.72 4.81
CA GLU A 9 -8.05 -10.23 4.32
C GLU A 9 -8.00 -10.05 2.80
N LYS A 10 -7.13 -9.15 2.34
CA LYS A 10 -7.00 -8.88 0.92
C LYS A 10 -5.61 -9.27 0.42
N PRO A 11 -5.51 -9.57 -0.88
CA PRO A 11 -4.23 -9.96 -1.50
C PRO A 11 -3.26 -8.81 -1.60
N TYR A 12 -3.79 -7.59 -1.66
CA TYR A 12 -2.95 -6.39 -1.75
C TYR A 12 -2.51 -5.94 -0.37
N ARG A 13 -1.22 -6.08 -0.09
CA ARG A 13 -0.65 -5.69 1.20
C ARG A 13 0.76 -5.13 1.03
N CYS A 14 0.89 -3.81 1.11
CA CYS A 14 2.18 -3.16 0.96
C CYS A 14 3.13 -3.59 2.08
N ASP A 15 4.32 -4.05 1.69
CA ASP A 15 5.32 -4.50 2.65
C ASP A 15 6.22 -3.34 3.08
N GLN A 16 6.09 -2.21 2.38
CA GLN A 16 6.89 -1.04 2.69
C GLN A 16 6.38 -0.33 3.95
N CYS A 17 5.06 -0.31 4.11
CA CYS A 17 4.44 0.32 5.26
C CYS A 17 3.62 -0.68 6.07
N GLY A 18 3.03 -1.65 5.37
CA GLY A 18 2.22 -2.65 6.02
C GLY A 18 0.74 -2.34 5.98
N LYS A 19 0.28 -1.86 4.83
CA LYS A 19 -1.13 -1.52 4.66
C LYS A 19 -1.86 -2.60 3.88
N ALA A 20 -3.16 -2.38 3.65
CA ALA A 20 -3.97 -3.35 2.91
C ALA A 20 -4.99 -2.64 2.02
N PHE A 21 -5.22 -3.18 0.83
CA PHE A 21 -6.16 -2.61 -0.11
C PHE A 21 -7.04 -3.68 -0.73
N SER A 22 -8.16 -3.27 -1.31
CA SER A 22 -9.09 -4.20 -1.94
C SER A 22 -8.85 -4.28 -3.44
N GLN A 23 -8.25 -3.23 -4.00
CA GLN A 23 -7.97 -3.18 -5.42
C GLN A 23 -6.49 -2.90 -5.67
N LYS A 24 -5.98 -3.40 -6.79
CA LYS A 24 -4.58 -3.20 -7.15
C LYS A 24 -4.29 -1.73 -7.43
N GLY A 25 -5.06 -1.15 -8.35
CA GLY A 25 -4.87 0.25 -8.70
C GLY A 25 -4.76 1.14 -7.48
N SER A 26 -5.66 0.94 -6.52
CA SER A 26 -5.66 1.74 -5.30
C SER A 26 -4.27 1.75 -4.66
N LEU A 27 -3.60 0.61 -4.69
CA LEU A 27 -2.27 0.49 -4.11
C LEU A 27 -1.24 1.23 -4.95
N ILE A 28 -1.48 1.28 -6.26
CA ILE A 28 -0.57 1.98 -7.17
C ILE A 28 -0.48 3.46 -6.84
N VAL A 29 -1.58 4.02 -6.34
CA VAL A 29 -1.63 5.42 -5.98
C VAL A 29 -0.95 5.67 -4.63
N HIS A 30 -0.65 4.58 -3.92
CA HIS A 30 0.00 4.69 -2.61
C HIS A 30 1.51 4.57 -2.75
N ILE A 31 1.96 3.79 -3.74
CA ILE A 31 3.38 3.60 -3.98
C ILE A 31 4.09 4.94 -4.19
N ARG A 32 3.32 5.95 -4.57
CA ARG A 32 3.87 7.28 -4.81
C ARG A 32 4.64 7.78 -3.58
N VAL A 33 4.26 7.28 -2.42
CA VAL A 33 4.91 7.68 -1.17
C VAL A 33 6.21 6.90 -0.96
N HIS A 34 6.28 5.69 -1.53
CA HIS A 34 7.46 4.86 -1.42
C HIS A 34 8.37 5.01 -2.63
N THR A 35 7.97 4.43 -3.74
CA THR A 35 8.74 4.50 -4.98
C THR A 35 8.15 5.51 -5.94
N GLY A 36 9.00 6.12 -6.77
CA GLY A 36 8.54 7.11 -7.73
C GLY A 36 7.38 6.60 -8.56
N SER A 37 6.18 7.06 -8.23
CA SER A 37 4.98 6.65 -8.96
C SER A 37 4.17 7.87 -9.41
N GLY A 38 4.86 9.00 -9.57
CA GLY A 38 4.19 10.22 -10.01
C GLY A 38 5.17 11.34 -10.25
N PRO A 39 5.76 11.87 -9.17
CA PRO A 39 6.73 12.97 -9.26
C PRO A 39 8.04 12.55 -9.89
N SER A 40 8.46 13.28 -10.92
CA SER A 40 9.71 12.97 -11.61
C SER A 40 10.53 14.24 -11.84
N SER A 41 9.89 15.27 -12.40
CA SER A 41 10.56 16.53 -12.67
C SER A 41 9.78 17.70 -12.07
N GLY A 42 10.42 18.86 -12.00
CA GLY A 42 9.78 20.04 -11.45
C GLY A 42 10.62 20.71 -10.39
ZN ZN B . 3.32 1.27 1.57
N GLY A 1 6.36 -13.88 23.69
CA GLY A 1 5.02 -13.45 23.33
C GLY A 1 4.99 -12.67 22.03
N SER A 2 5.46 -13.28 20.95
CA SER A 2 5.50 -12.63 19.65
C SER A 2 4.09 -12.54 19.05
N SER A 3 3.47 -11.37 19.21
CA SER A 3 2.12 -11.15 18.68
C SER A 3 2.04 -9.81 17.95
N GLY A 4 1.58 -9.86 16.71
CA GLY A 4 1.46 -8.65 15.92
C GLY A 4 0.34 -8.72 14.90
N SER A 5 0.58 -9.44 13.80
CA SER A 5 -0.41 -9.59 12.76
C SER A 5 -0.16 -10.86 11.94
N SER A 6 -1.20 -11.30 11.23
CA SER A 6 -1.09 -12.51 10.41
C SER A 6 -1.04 -12.16 8.93
N GLY A 7 -2.06 -11.44 8.47
CA GLY A 7 -2.11 -11.05 7.07
C GLY A 7 -3.40 -10.32 6.72
N GLY A 8 -3.32 -9.39 5.78
CA GLY A 8 -4.48 -8.63 5.37
C GLY A 8 -5.52 -9.49 4.68
N GLU A 9 -6.79 -9.21 4.95
CA GLU A 9 -7.88 -9.98 4.35
C GLU A 9 -7.78 -9.94 2.83
N LYS A 10 -7.17 -8.89 2.30
CA LYS A 10 -7.02 -8.75 0.85
C LYS A 10 -5.61 -9.14 0.42
N PRO A 11 -5.47 -9.52 -0.86
CA PRO A 11 -4.18 -9.92 -1.43
C PRO A 11 -3.21 -8.74 -1.57
N TYR A 12 -3.77 -7.55 -1.72
CA TYR A 12 -2.97 -6.35 -1.87
C TYR A 12 -2.51 -5.83 -0.51
N ARG A 13 -1.26 -6.10 -0.16
CA ARG A 13 -0.69 -5.66 1.11
C ARG A 13 0.72 -5.10 0.93
N CYS A 14 0.86 -3.80 1.11
CA CYS A 14 2.16 -3.14 0.96
C CYS A 14 3.11 -3.56 2.08
N ASP A 15 4.26 -4.08 1.71
CA ASP A 15 5.26 -4.52 2.68
C ASP A 15 6.16 -3.36 3.09
N GLN A 16 6.06 -2.25 2.37
CA GLN A 16 6.87 -1.06 2.66
C GLN A 16 6.38 -0.37 3.93
N CYS A 17 5.06 -0.31 4.09
CA CYS A 17 4.47 0.32 5.26
C CYS A 17 3.67 -0.68 6.08
N GLY A 18 3.06 -1.65 5.39
CA GLY A 18 2.26 -2.66 6.07
C GLY A 18 0.78 -2.34 6.05
N LYS A 19 0.27 -2.00 4.88
CA LYS A 19 -1.15 -1.67 4.73
C LYS A 19 -1.86 -2.73 3.90
N ALA A 20 -3.16 -2.52 3.67
CA ALA A 20 -3.96 -3.46 2.90
C ALA A 20 -4.94 -2.71 2.00
N PHE A 21 -5.13 -3.23 0.78
CA PHE A 21 -6.03 -2.62 -0.19
C PHE A 21 -6.95 -3.67 -0.81
N SER A 22 -8.13 -3.24 -1.24
CA SER A 22 -9.09 -4.14 -1.85
C SER A 22 -8.84 -4.27 -3.36
N GLN A 23 -8.26 -3.24 -3.94
CA GLN A 23 -7.95 -3.23 -5.37
C GLN A 23 -6.47 -2.97 -5.61
N LYS A 24 -5.99 -3.36 -6.79
CA LYS A 24 -4.59 -3.16 -7.14
C LYS A 24 -4.30 -1.69 -7.42
N GLY A 25 -5.07 -1.10 -8.33
CA GLY A 25 -4.88 0.30 -8.68
C GLY A 25 -4.76 1.18 -7.45
N SER A 26 -5.66 0.98 -6.49
CA SER A 26 -5.66 1.77 -5.26
C SER A 26 -4.28 1.77 -4.61
N LEU A 27 -3.59 0.64 -4.71
CA LEU A 27 -2.26 0.50 -4.14
C LEU A 27 -1.22 1.24 -4.98
N ILE A 28 -1.46 1.28 -6.29
CA ILE A 28 -0.55 1.95 -7.21
C ILE A 28 -0.46 3.44 -6.90
N VAL A 29 -1.53 3.99 -6.33
CA VAL A 29 -1.57 5.40 -5.97
C VAL A 29 -0.93 5.66 -4.61
N HIS A 30 -0.65 4.58 -3.89
CA HIS A 30 -0.02 4.68 -2.57
C HIS A 30 1.49 4.54 -2.67
N ILE A 31 1.95 3.68 -3.58
CA ILE A 31 3.38 3.46 -3.77
C ILE A 31 4.08 4.76 -4.15
N ARG A 32 3.31 5.74 -4.62
CA ARG A 32 3.87 7.02 -5.02
C ARG A 32 4.57 7.69 -3.84
N VAL A 33 4.20 7.28 -2.63
CA VAL A 33 4.80 7.83 -1.41
C VAL A 33 5.91 6.95 -0.88
N HIS A 34 6.31 5.96 -1.69
CA HIS A 34 7.38 5.04 -1.30
C HIS A 34 8.57 5.16 -2.24
N THR A 35 8.43 4.61 -3.44
CA THR A 35 9.48 4.65 -4.44
C THR A 35 9.05 5.41 -5.68
N GLY A 36 9.30 6.72 -5.70
CA GLY A 36 8.92 7.54 -6.83
C GLY A 36 7.47 7.33 -7.23
N SER A 37 7.26 6.67 -8.37
CA SER A 37 5.91 6.43 -8.86
C SER A 37 5.13 7.74 -8.99
N GLY A 38 5.85 8.83 -9.17
CA GLY A 38 5.21 10.13 -9.31
C GLY A 38 6.22 11.25 -9.51
N PRO A 39 6.88 11.65 -8.41
CA PRO A 39 7.88 12.72 -8.43
C PRO A 39 9.15 12.32 -9.19
N SER A 40 10.09 13.25 -9.28
CA SER A 40 11.34 12.99 -9.98
C SER A 40 12.44 12.58 -9.00
N SER A 41 13.28 11.66 -9.42
CA SER A 41 14.37 11.17 -8.59
C SER A 41 15.55 12.13 -8.61
N GLY A 42 15.90 12.60 -9.81
CA GLY A 42 17.01 13.53 -9.95
C GLY A 42 18.28 13.01 -9.30
ZN ZN B . 3.27 1.29 1.62
#